data_5U2H
#
_entry.id   5U2H
#
_cell.length_a   167.618
_cell.length_b   167.618
_cell.length_c   167.618
_cell.angle_alpha   90.00
_cell.angle_beta   90.00
_cell.angle_gamma   90.00
#
_symmetry.space_group_name_H-M   'P 21 3'
#
loop_
_entity.id
_entity.type
_entity.pdbx_description
1 polymer 'P2X purinoceptor'
2 branched 2-acetamido-2-deoxy-beta-D-glucopyranose-(1-4)-2-acetamido-2-deoxy-beta-D-glucopyranose
3 non-polymer "N-cyano-N'-[(1R)-1-phenylethyl]-N''-quinolin-5-ylguanidine"
4 non-polymer 2-acetamido-2-deoxy-beta-D-glucopyranose
5 non-polymer "ADENOSINE-5'-TRIPHOSPHATE"
#
_entity_poly.entity_id   1
_entity_poly.type   'polypeptide(L)'
_entity_poly.pdbx_seq_one_letter_code
;GSSTNYGTIKWIFHALVFSYISFALISDKRYQKKEPLISSVHTKVKGIAEVKAEILENGMKKMVSGVFDTADYTFPLQGN
SFFVMTNFIKTEGQQQGLCPDFPTARTICSSDRGCKKGRMDPQSKGIQTGRCVVYKERLKTCEVSAWCPIEEVKDAPRPA
LLNSAENFTVLIKNNIDFPGHNYTTRNILPGVNITCTFHKTQNPQCPIFRLGDIFQETGDSFSDVAIQGGIMGIEIYWDC
NLDGWFHHCRPKYSFRRLDDKTTSESLYPGYNFRYAKYYKENNVEKRTLIKVFGIRFDILVFGTGGKFNVIQLAVYIGSV
ISYFGLATVFIDILINTYSASS
;
_entity_poly.pdbx_strand_id   A,B
#
loop_
_chem_comp.id
_chem_comp.type
_chem_comp.name
_chem_comp.formula
7S1 non-polymer N-cyano-N'-[(1R)-1-phenylethyl]-N''-quinolin-5-ylguanidine 'C19 H17 N5'
ATP non-polymer ADENOSINE-5'-TRIPHOSPHATE 'C10 H16 N5 O13 P3'
NAG D-saccharide, beta linking 2-acetamido-2-deoxy-beta-D-glucopyranose 'C8 H15 N O6'
#
# COMPACT_ATOMS: atom_id res chain seq x y z
N HIS A 14 -0.24 -15.79 4.02
CA HIS A 14 -1.46 -16.17 3.32
C HIS A 14 -1.51 -17.68 3.08
N ALA A 15 -0.47 -18.20 2.41
CA ALA A 15 -0.42 -19.64 2.15
C ALA A 15 -0.26 -20.44 3.43
N LEU A 16 0.56 -19.93 4.36
CA LEU A 16 0.75 -20.64 5.63
C LEU A 16 -0.55 -20.72 6.42
N VAL A 17 -1.37 -19.67 6.35
CA VAL A 17 -2.66 -19.69 7.04
C VAL A 17 -3.59 -20.72 6.42
N PHE A 18 -3.53 -20.89 5.10
CA PHE A 18 -4.37 -21.89 4.44
C PHE A 18 -3.91 -23.29 4.77
N SER A 19 -2.60 -23.55 4.69
CA SER A 19 -2.08 -24.87 5.03
C SER A 19 -2.36 -25.21 6.48
N TYR A 20 -2.22 -24.24 7.39
CA TYR A 20 -2.52 -24.48 8.80
C TYR A 20 -4.01 -24.68 9.02
N ILE A 21 -4.86 -24.02 8.23
CA ILE A 21 -6.30 -24.20 8.37
C ILE A 21 -6.71 -25.59 7.90
N SER A 22 -6.14 -26.05 6.79
CA SER A 22 -6.44 -27.40 6.31
C SER A 22 -5.89 -28.46 7.26
N PHE A 23 -4.68 -28.26 7.77
CA PHE A 23 -4.10 -29.22 8.71
C PHE A 23 -4.92 -29.28 10.00
N ALA A 24 -5.36 -28.12 10.51
CA ALA A 24 -6.17 -28.11 11.71
C ALA A 24 -7.54 -28.74 11.46
N LEU A 25 -8.14 -28.47 10.30
CA LEU A 25 -9.43 -29.05 9.99
C LEU A 25 -9.33 -30.57 9.87
N ILE A 26 -8.24 -31.07 9.27
CA ILE A 26 -8.07 -32.51 9.14
C ILE A 26 -7.77 -33.13 10.51
N SER A 27 -7.01 -32.43 11.34
CA SER A 27 -6.70 -32.97 12.67
C SER A 27 -7.95 -33.03 13.54
N ASP A 28 -8.80 -32.02 13.47
CA ASP A 28 -10.04 -32.00 14.25
C ASP A 28 -11.18 -32.74 13.57
N LYS A 29 -11.05 -33.04 12.27
CA LYS A 29 -12.07 -33.78 11.53
C LYS A 29 -13.43 -33.08 11.63
N ARG A 30 -13.44 -31.79 11.27
CA ARG A 30 -14.66 -31.01 11.33
C ARG A 30 -15.60 -31.29 10.16
N TYR A 31 -15.08 -31.81 9.05
CA TYR A 31 -15.94 -32.08 7.90
C TYR A 31 -16.90 -33.24 8.16
N GLN A 32 -16.49 -34.20 8.98
CA GLN A 32 -17.34 -35.34 9.30
C GLN A 32 -18.35 -34.98 10.38
N LYS A 33 -19.58 -35.42 10.17
CA LYS A 33 -20.65 -35.15 11.15
C LYS A 33 -20.44 -35.97 12.41
N LYS A 34 -20.64 -35.34 13.56
CA LYS A 34 -20.47 -35.97 14.85
C LYS A 34 -21.82 -36.34 15.45
N GLU A 35 -21.90 -37.53 16.04
CA GLU A 35 -23.13 -38.02 16.65
C GLU A 35 -22.78 -38.98 17.77
N PRO A 36 -23.63 -39.12 18.78
CA PRO A 36 -23.36 -40.04 19.88
C PRO A 36 -23.67 -41.48 19.47
N LEU A 37 -23.42 -42.39 20.42
CA LEU A 37 -23.62 -43.82 20.20
C LEU A 37 -24.59 -44.36 21.24
N ILE A 38 -25.53 -45.19 20.79
CA ILE A 38 -26.52 -45.80 21.66
C ILE A 38 -26.18 -47.28 21.78
N SER A 39 -25.76 -47.69 22.97
CA SER A 39 -25.25 -49.03 23.20
C SER A 39 -26.15 -49.83 24.12
N SER A 40 -26.14 -51.15 23.94
CA SER A 40 -26.84 -52.08 24.81
C SER A 40 -25.87 -53.20 25.17
N VAL A 41 -25.66 -53.41 26.47
CA VAL A 41 -24.62 -54.31 26.97
C VAL A 41 -25.27 -55.50 27.65
N HIS A 42 -24.65 -56.67 27.48
CA HIS A 42 -25.04 -57.89 28.18
C HIS A 42 -23.79 -58.54 28.74
N THR A 43 -23.84 -58.93 30.01
CA THR A 43 -22.68 -59.47 30.71
C THR A 43 -23.00 -60.85 31.27
N LYS A 44 -22.01 -61.74 31.21
CA LYS A 44 -22.12 -63.09 31.75
C LYS A 44 -20.90 -63.36 32.61
N VAL A 45 -21.14 -63.67 33.89
CA VAL A 45 -20.05 -63.93 34.82
C VAL A 45 -19.63 -65.39 34.71
N LYS A 46 -18.33 -65.64 34.78
CA LYS A 46 -17.76 -66.97 34.65
C LYS A 46 -16.71 -67.20 35.73
N GLY A 47 -16.75 -68.37 36.32
CA GLY A 47 -15.83 -68.75 37.37
C GLY A 47 -16.54 -68.94 38.70
N ILE A 48 -15.98 -69.81 39.54
CA ILE A 48 -16.53 -70.11 40.85
C ILE A 48 -15.40 -70.12 41.87
N ALA A 49 -15.77 -69.89 43.13
CA ALA A 49 -14.81 -69.85 44.22
C ALA A 49 -15.32 -70.69 45.38
N GLU A 50 -14.38 -71.26 46.13
CA GLU A 50 -14.68 -72.07 47.30
C GLU A 50 -14.14 -71.38 48.55
N VAL A 51 -15.01 -71.19 49.54
CA VAL A 51 -14.65 -70.53 50.78
C VAL A 51 -14.58 -71.58 51.88
N LYS A 52 -13.42 -71.67 52.54
CA LYS A 52 -13.19 -72.62 53.63
C LYS A 52 -12.39 -71.91 54.72
N ALA A 53 -13.00 -70.90 55.33
CA ALA A 53 -12.39 -70.11 56.39
C ALA A 53 -13.24 -70.18 57.65
N GLU A 54 -12.57 -70.09 58.79
CA GLU A 54 -13.23 -70.13 60.10
C GLU A 54 -13.07 -68.78 60.77
N ILE A 55 -14.18 -68.17 61.15
CA ILE A 55 -14.18 -66.88 61.83
C ILE A 55 -15.20 -66.95 62.98
N LEU A 56 -14.80 -66.45 64.15
CA LEU A 56 -15.69 -66.46 65.29
C LEU A 56 -16.84 -65.50 65.08
N GLU A 57 -18.00 -65.88 65.61
CA GLU A 57 -19.22 -65.08 65.46
C GLU A 57 -19.98 -65.09 66.78
N ASN A 58 -20.33 -63.90 67.28
CA ASN A 58 -21.10 -63.77 68.51
C ASN A 58 -20.40 -64.45 69.69
N GLY A 59 -19.09 -64.29 69.77
CA GLY A 59 -18.31 -64.87 70.84
C GLY A 59 -18.04 -66.35 70.72
N MET A 60 -18.42 -66.99 69.62
CA MET A 60 -18.20 -68.41 69.40
C MET A 60 -17.48 -68.61 68.08
N LYS A 61 -16.46 -69.46 68.08
CA LYS A 61 -15.72 -69.77 66.87
C LYS A 61 -16.61 -70.57 65.92
N LYS A 62 -16.67 -70.14 64.66
CA LYS A 62 -17.47 -70.80 63.64
C LYS A 62 -16.61 -71.13 62.44
N MET A 63 -16.90 -72.27 61.81
CA MET A 63 -16.19 -72.73 60.62
C MET A 63 -17.12 -72.64 59.42
N VAL A 64 -16.64 -72.01 58.35
CA VAL A 64 -17.39 -71.84 57.11
C VAL A 64 -16.67 -72.57 56.00
N SER A 65 -17.42 -73.37 55.24
CA SER A 65 -16.85 -74.12 54.13
C SER A 65 -17.93 -74.35 53.08
N GLY A 66 -17.50 -74.41 51.83
CA GLY A 66 -18.40 -74.62 50.73
C GLY A 66 -17.93 -73.89 49.49
N VAL A 67 -18.63 -74.15 48.39
CA VAL A 67 -18.33 -73.54 47.10
C VAL A 67 -19.54 -72.72 46.67
N PHE A 68 -19.27 -71.59 46.01
CA PHE A 68 -20.30 -70.67 45.55
C PHE A 68 -20.41 -70.77 44.03
N ASP A 69 -21.61 -71.08 43.55
CA ASP A 69 -21.86 -71.16 42.12
C ASP A 69 -21.95 -69.76 41.52
N THR A 70 -22.13 -69.69 40.20
CA THR A 70 -22.24 -68.40 39.53
C THR A 70 -23.42 -67.59 40.07
N ALA A 71 -24.57 -68.24 40.26
CA ALA A 71 -25.77 -67.54 40.71
C ALA A 71 -25.66 -67.08 42.16
N ASP A 72 -24.69 -67.60 42.92
CA ASP A 72 -24.60 -67.25 44.34
C ASP A 72 -23.94 -65.90 44.57
N TYR A 73 -22.97 -65.52 43.74
CA TYR A 73 -22.17 -64.33 44.01
C TYR A 73 -22.45 -63.18 43.05
N THR A 74 -23.45 -63.30 42.19
CA THR A 74 -23.72 -62.26 41.21
C THR A 74 -25.22 -62.11 41.00
N PHE A 75 -25.61 -60.93 40.54
CA PHE A 75 -26.97 -60.58 40.16
C PHE A 75 -27.07 -60.37 38.66
N PRO A 76 -28.29 -60.31 38.12
CA PRO A 76 -28.45 -59.98 36.70
C PRO A 76 -28.08 -58.53 36.44
N LEU A 77 -27.61 -58.28 35.22
CA LEU A 77 -27.16 -56.93 34.85
C LEU A 77 -28.31 -55.94 35.00
N GLN A 78 -28.04 -54.84 35.70
CA GLN A 78 -29.03 -53.79 35.93
C GLN A 78 -28.39 -52.45 35.62
N GLY A 79 -29.00 -51.71 34.70
CA GLY A 79 -28.47 -50.40 34.33
C GLY A 79 -27.10 -50.47 33.70
N ASN A 80 -26.84 -51.48 32.87
CA ASN A 80 -25.56 -51.63 32.19
C ASN A 80 -24.42 -51.70 33.22
N SER A 81 -24.63 -52.50 34.26
CA SER A 81 -23.63 -52.64 35.31
C SER A 81 -23.99 -53.86 36.16
N PHE A 82 -22.98 -54.64 36.53
CA PHE A 82 -23.16 -55.84 37.33
C PHE A 82 -22.37 -55.74 38.62
N PHE A 83 -22.79 -56.53 39.61
CA PHE A 83 -22.15 -56.58 40.91
C PHE A 83 -21.59 -57.98 41.16
N VAL A 84 -20.47 -58.04 41.86
CA VAL A 84 -19.80 -59.28 42.20
C VAL A 84 -19.42 -59.23 43.67
N MET A 85 -19.89 -60.22 44.45
CA MET A 85 -19.56 -60.28 45.86
C MET A 85 -18.09 -60.64 46.05
N THR A 86 -17.51 -60.13 47.14
CA THR A 86 -16.15 -60.45 47.51
C THR A 86 -15.98 -60.77 48.99
N ASN A 87 -16.97 -60.50 49.83
CA ASN A 87 -16.90 -60.72 51.26
C ASN A 87 -18.29 -60.55 51.82
N PHE A 88 -18.55 -61.18 52.98
CA PHE A 88 -19.89 -61.10 53.54
C PHE A 88 -19.83 -61.42 55.03
N ILE A 89 -20.84 -60.92 55.75
CA ILE A 89 -21.05 -61.21 57.16
C ILE A 89 -22.47 -61.75 57.30
N LYS A 90 -22.58 -62.96 57.85
CA LYS A 90 -23.87 -63.65 57.94
C LYS A 90 -24.43 -63.52 59.35
N THR A 91 -25.74 -63.29 59.43
CA THR A 91 -26.47 -63.23 60.70
C THR A 91 -27.76 -64.01 60.54
N GLU A 92 -27.89 -65.09 61.29
CA GLU A 92 -29.02 -66.01 61.14
C GLU A 92 -29.90 -65.98 62.39
N GLY A 93 -31.18 -66.30 62.19
CA GLY A 93 -32.11 -66.46 63.29
C GLY A 93 -32.80 -65.21 63.75
N GLN A 94 -32.61 -64.07 63.09
CA GLN A 94 -33.24 -62.84 63.52
C GLN A 94 -34.76 -62.95 63.45
N GLN A 95 -35.42 -62.48 64.50
CA GLN A 95 -36.88 -62.43 64.54
C GLN A 95 -37.29 -61.19 65.32
N GLN A 96 -38.40 -60.57 64.89
CA GLN A 96 -38.84 -59.34 65.52
C GLN A 96 -39.08 -59.54 67.01
N GLY A 97 -38.67 -58.56 67.81
CA GLY A 97 -38.85 -58.62 69.24
C GLY A 97 -38.05 -57.53 69.92
N LEU A 98 -37.89 -57.69 71.23
CA LEU A 98 -37.13 -56.76 72.05
C LEU A 98 -35.83 -57.41 72.48
N CYS A 99 -34.74 -56.64 72.43
CA CYS A 99 -33.43 -57.16 72.80
C CYS A 99 -32.51 -55.97 73.06
N PRO A 100 -31.44 -56.18 73.83
CA PRO A 100 -30.47 -55.10 74.06
C PRO A 100 -29.65 -54.83 72.82
N ASP A 101 -29.47 -53.56 72.51
CA ASP A 101 -28.70 -53.17 71.34
C ASP A 101 -27.25 -53.58 71.49
N PHE A 102 -26.57 -53.74 70.35
CA PHE A 102 -25.17 -54.12 70.37
C PHE A 102 -24.35 -53.01 71.01
N PRO A 103 -23.33 -53.34 71.80
CA PRO A 103 -22.56 -52.31 72.51
C PRO A 103 -21.81 -51.41 71.52
N THR A 104 -22.06 -50.11 71.62
CA THR A 104 -21.39 -49.12 70.78
C THR A 104 -21.14 -47.87 71.62
N ALA A 105 -20.39 -46.94 71.05
CA ALA A 105 -20.05 -45.72 71.77
C ALA A 105 -21.30 -44.95 72.20
N ARG A 106 -22.40 -45.11 71.47
CA ARG A 106 -23.63 -44.38 71.75
C ARG A 106 -24.79 -45.29 72.13
N THR A 107 -24.55 -46.59 72.32
CA THR A 107 -25.60 -47.53 72.66
C THR A 107 -25.58 -48.01 74.09
N ILE A 108 -24.48 -47.78 74.82
CA ILE A 108 -24.36 -48.24 76.20
C ILE A 108 -25.12 -47.29 77.11
N CYS A 109 -25.94 -47.86 77.99
CA CYS A 109 -26.71 -47.08 78.96
C CYS A 109 -26.11 -47.25 80.34
N SER A 110 -25.95 -46.13 81.06
CA SER A 110 -25.38 -46.19 82.39
C SER A 110 -26.43 -46.60 83.44
N SER A 111 -27.66 -46.13 83.28
CA SER A 111 -28.73 -46.42 84.22
C SER A 111 -30.00 -46.75 83.46
N ASP A 112 -31.02 -47.20 84.19
CA ASP A 112 -32.28 -47.55 83.58
C ASP A 112 -32.88 -46.39 82.81
N ARG A 113 -32.87 -45.20 83.41
CA ARG A 113 -33.40 -44.00 82.77
C ARG A 113 -32.38 -43.31 81.87
N GLY A 114 -31.26 -43.97 81.56
CA GLY A 114 -30.24 -43.34 80.74
C GLY A 114 -30.72 -43.06 79.32
N CYS A 115 -31.38 -44.03 78.70
CA CYS A 115 -31.83 -43.89 77.33
C CYS A 115 -33.22 -43.29 77.28
N LYS A 116 -33.55 -42.72 76.12
CA LYS A 116 -34.86 -42.10 75.91
C LYS A 116 -35.82 -43.09 75.26
N LYS A 117 -37.05 -43.11 75.76
CA LYS A 117 -38.07 -44.02 75.24
C LYS A 117 -38.59 -43.53 73.91
N GLY A 118 -38.93 -44.49 73.04
CA GLY A 118 -39.46 -44.15 71.72
C GLY A 118 -38.50 -43.37 70.85
N ARG A 119 -37.20 -43.66 70.96
CA ARG A 119 -36.18 -42.99 70.18
C ARG A 119 -35.34 -44.02 69.43
N MET A 120 -34.98 -43.70 68.19
CA MET A 120 -34.19 -44.59 67.35
C MET A 120 -33.03 -43.80 66.76
N ASP A 121 -31.80 -44.21 67.06
CA ASP A 121 -30.64 -43.53 66.52
C ASP A 121 -30.43 -43.92 65.05
N PRO A 122 -29.76 -43.07 64.28
CA PRO A 122 -29.55 -43.40 62.86
C PRO A 122 -28.70 -44.64 62.67
N GLN A 123 -27.58 -44.76 63.38
CA GLN A 123 -26.74 -45.94 63.26
C GLN A 123 -27.42 -47.17 63.85
N SER A 124 -28.26 -46.99 64.85
CA SER A 124 -28.96 -48.12 65.46
C SER A 124 -30.08 -48.61 64.55
N LYS A 125 -30.30 -49.91 64.56
CA LYS A 125 -31.32 -50.55 63.74
C LYS A 125 -32.60 -50.86 64.52
N GLY A 126 -32.78 -50.23 65.68
CA GLY A 126 -33.95 -50.46 66.48
C GLY A 126 -34.40 -49.19 67.18
N ILE A 127 -35.65 -49.21 67.62
CA ILE A 127 -36.26 -48.09 68.34
C ILE A 127 -36.21 -48.39 69.83
N GLN A 128 -35.51 -47.54 70.59
CA GLN A 128 -35.37 -47.78 72.02
C GLN A 128 -36.72 -47.67 72.72
N THR A 129 -36.94 -48.56 73.69
CA THR A 129 -38.16 -48.54 74.50
C THR A 129 -37.97 -47.81 75.82
N GLY A 130 -36.80 -47.23 76.06
CA GLY A 130 -36.54 -46.50 77.29
C GLY A 130 -36.12 -47.35 78.46
N ARG A 131 -35.64 -48.57 78.23
CA ARG A 131 -35.22 -49.46 79.30
C ARG A 131 -33.75 -49.81 79.13
N CYS A 132 -32.99 -49.72 80.21
CA CYS A 132 -31.57 -50.06 80.20
C CYS A 132 -31.43 -51.53 80.61
N VAL A 133 -31.00 -52.37 79.66
CA VAL A 133 -30.92 -53.80 79.88
C VAL A 133 -29.46 -54.24 79.79
N VAL A 134 -29.21 -55.50 80.16
CA VAL A 134 -27.87 -56.06 80.21
C VAL A 134 -27.68 -56.95 78.99
N TYR A 135 -26.72 -56.58 78.14
CA TYR A 135 -26.39 -57.43 77.00
C TYR A 135 -25.62 -58.67 77.43
N LYS A 136 -24.56 -58.48 78.20
CA LYS A 136 -23.74 -59.61 78.66
C LYS A 136 -22.88 -59.16 79.82
N GLU A 137 -23.08 -59.77 80.98
CA GLU A 137 -22.23 -59.53 82.15
C GLU A 137 -22.18 -58.05 82.54
N ARG A 138 -23.24 -57.54 83.16
CA ARG A 138 -23.25 -56.20 83.75
C ARG A 138 -22.86 -55.13 82.74
N LEU A 139 -23.04 -55.41 81.44
CA LEU A 139 -22.82 -54.42 80.39
C LEU A 139 -24.19 -54.02 79.86
N LYS A 140 -24.57 -52.76 80.09
CA LYS A 140 -25.93 -52.30 79.85
C LYS A 140 -26.00 -51.49 78.56
N THR A 141 -26.93 -51.85 77.68
CA THR A 141 -27.29 -51.09 76.51
C THR A 141 -28.79 -50.85 76.51
N CYS A 142 -29.23 -49.96 75.61
CA CYS A 142 -30.64 -49.58 75.57
C CYS A 142 -31.47 -50.70 74.98
N GLU A 143 -32.56 -51.05 75.67
CA GLU A 143 -33.50 -52.02 75.13
C GLU A 143 -34.12 -51.50 73.84
N VAL A 144 -34.02 -52.29 72.77
CA VAL A 144 -34.49 -51.88 71.46
C VAL A 144 -35.53 -52.87 70.95
N SER A 145 -36.41 -52.37 70.09
CA SER A 145 -37.45 -53.15 69.45
C SER A 145 -37.15 -53.24 67.96
N ALA A 146 -36.83 -54.44 67.48
CA ALA A 146 -36.51 -54.65 66.08
C ALA A 146 -36.14 -56.10 65.82
N TRP A 147 -35.36 -56.35 64.77
CA TRP A 147 -34.88 -57.69 64.49
C TRP A 147 -33.90 -58.11 65.57
N CYS A 148 -34.21 -59.21 66.27
CA CYS A 148 -33.40 -59.65 67.37
C CYS A 148 -32.84 -61.04 67.13
N PRO A 149 -31.55 -61.27 67.45
CA PRO A 149 -30.68 -60.23 67.99
C PRO A 149 -30.09 -59.33 66.91
N ILE A 150 -29.69 -58.12 67.28
CA ILE A 150 -29.11 -57.20 66.31
C ILE A 150 -27.76 -57.72 65.84
N GLU A 151 -27.45 -57.48 64.56
CA GLU A 151 -26.17 -57.91 64.03
C GLU A 151 -25.03 -57.16 64.71
N GLU A 152 -23.98 -57.89 65.07
CA GLU A 152 -22.87 -57.31 65.79
C GLU A 152 -22.02 -56.43 64.87
N VAL A 153 -21.56 -55.30 65.41
CA VAL A 153 -20.65 -54.43 64.68
C VAL A 153 -19.31 -55.15 64.57
N LYS A 154 -18.93 -55.52 63.35
CA LYS A 154 -17.74 -56.34 63.13
C LYS A 154 -17.07 -55.93 61.83
N ASP A 155 -15.78 -55.68 61.88
CA ASP A 155 -15.03 -55.33 60.68
C ASP A 155 -15.05 -56.49 59.69
N ALA A 156 -14.80 -56.17 58.42
CA ALA A 156 -14.71 -57.19 57.40
C ALA A 156 -13.57 -58.16 57.73
N PRO A 157 -13.72 -59.44 57.41
CA PRO A 157 -12.67 -60.41 57.74
C PRO A 157 -11.36 -60.06 57.03
N ARG A 158 -10.26 -60.18 57.78
CA ARG A 158 -8.94 -59.88 57.23
C ARG A 158 -8.71 -60.55 55.89
N PRO A 159 -8.91 -61.87 55.73
CA PRO A 159 -8.83 -62.47 54.40
C PRO A 159 -10.17 -62.43 53.69
N ALA A 160 -10.21 -61.84 52.50
CA ALA A 160 -11.45 -61.78 51.74
C ALA A 160 -11.98 -63.19 51.47
N LEU A 161 -13.20 -63.47 51.94
CA LEU A 161 -13.76 -64.81 51.78
C LEU A 161 -13.73 -65.25 50.32
N LEU A 162 -14.06 -64.35 49.41
CA LEU A 162 -14.05 -64.67 47.97
C LEU A 162 -12.67 -64.39 47.38
N ASN A 163 -11.68 -65.11 47.91
CA ASN A 163 -10.30 -64.98 47.42
C ASN A 163 -10.23 -65.26 45.93
N SER A 164 -10.92 -66.29 45.47
CA SER A 164 -10.86 -66.72 44.08
C SER A 164 -11.63 -65.79 43.13
N ALA A 165 -12.07 -64.63 43.60
CA ALA A 165 -12.88 -63.76 42.75
C ALA A 165 -12.04 -63.15 41.63
N GLU A 166 -10.77 -62.83 41.90
CA GLU A 166 -9.95 -62.20 40.89
C GLU A 166 -9.71 -63.13 39.70
N ASN A 167 -9.49 -64.42 39.98
CA ASN A 167 -9.30 -65.39 38.90
C ASN A 167 -10.54 -65.58 38.04
N PHE A 168 -11.67 -64.98 38.42
CA PHE A 168 -12.88 -65.08 37.62
C PHE A 168 -12.69 -64.37 36.27
N THR A 169 -13.53 -64.75 35.31
CA THR A 169 -13.51 -64.15 33.97
C THR A 169 -14.92 -63.72 33.61
N VAL A 170 -15.05 -62.49 33.13
CA VAL A 170 -16.35 -61.91 32.77
C VAL A 170 -16.41 -61.76 31.26
N LEU A 171 -17.59 -61.99 30.70
CA LEU A 171 -17.83 -61.84 29.27
C LEU A 171 -18.77 -60.65 29.06
N ILE A 172 -18.32 -59.70 28.24
CA ILE A 172 -19.08 -58.48 27.97
C ILE A 172 -19.36 -58.41 26.47
N LYS A 173 -20.64 -58.32 26.12
CA LYS A 173 -21.08 -58.20 24.73
C LYS A 173 -21.81 -56.87 24.58
N ASN A 174 -21.29 -56.01 23.71
CA ASN A 174 -21.83 -54.67 23.50
C ASN A 174 -22.37 -54.54 22.08
N ASN A 175 -23.59 -54.03 21.96
CA ASN A 175 -24.22 -53.76 20.67
C ASN A 175 -24.35 -52.26 20.50
N ILE A 176 -23.79 -51.75 19.40
CA ILE A 176 -23.75 -50.31 19.13
C ILE A 176 -24.74 -50.00 18.02
N ASP A 177 -25.47 -48.89 18.19
CA ASP A 177 -26.45 -48.44 17.21
C ASP A 177 -26.42 -46.92 17.14
N PHE A 178 -26.53 -46.38 15.93
CA PHE A 178 -26.56 -44.96 15.69
C PHE A 178 -27.74 -44.62 14.79
N PRO A 179 -28.49 -43.55 15.11
CA PRO A 179 -29.68 -43.24 14.32
C PRO A 179 -29.35 -42.80 12.90
N GLY A 180 -28.36 -41.92 12.73
CA GLY A 180 -28.00 -41.45 11.40
C GLY A 180 -27.28 -42.46 10.54
N HIS A 181 -26.61 -43.44 11.14
CA HIS A 181 -25.86 -44.41 10.36
C HIS A 181 -26.73 -45.56 9.87
N ASN A 182 -27.80 -45.88 10.60
CA ASN A 182 -28.67 -47.00 10.26
C ASN A 182 -27.88 -48.32 10.20
N TYR A 183 -27.13 -48.58 11.28
CA TYR A 183 -26.31 -49.77 11.36
C TYR A 183 -26.15 -50.17 12.81
N THR A 184 -25.84 -51.45 13.03
CA THR A 184 -25.62 -52.01 14.36
C THR A 184 -24.35 -52.84 14.33
N THR A 185 -23.43 -52.55 15.23
CA THR A 185 -22.14 -53.23 15.31
C THR A 185 -22.07 -54.04 16.60
N ARG A 186 -21.77 -55.33 16.47
CA ARG A 186 -21.66 -56.24 17.61
C ARG A 186 -20.19 -56.47 17.91
N ASN A 187 -19.82 -56.30 19.18
CA ASN A 187 -18.44 -56.50 19.62
C ASN A 187 -18.20 -57.96 19.98
N ILE A 194 -13.66 -68.23 20.85
CA ILE A 194 -12.40 -68.71 21.40
C ILE A 194 -12.22 -68.19 22.83
N THR A 195 -11.81 -69.09 23.72
CA THR A 195 -11.61 -68.73 25.12
C THR A 195 -10.22 -68.11 25.30
N CYS A 196 -10.19 -66.83 25.67
CA CYS A 196 -8.93 -66.15 25.91
C CYS A 196 -9.17 -64.97 26.84
N THR A 197 -8.09 -64.51 27.47
CA THR A 197 -8.14 -63.40 28.41
C THR A 197 -7.62 -62.14 27.73
N PHE A 198 -8.34 -61.04 27.88
CA PHE A 198 -7.92 -59.78 27.29
C PHE A 198 -6.58 -59.33 27.86
N HIS A 199 -5.71 -58.85 26.98
CA HIS A 199 -4.42 -58.31 27.37
C HIS A 199 -4.24 -56.95 26.71
N LYS A 200 -3.49 -56.07 27.40
CA LYS A 200 -3.32 -54.71 26.90
C LYS A 200 -2.68 -54.69 25.53
N THR A 201 -1.71 -55.58 25.29
CA THR A 201 -0.98 -55.61 24.02
C THR A 201 -1.05 -56.96 23.33
N GLN A 202 -0.92 -58.06 24.07
CA GLN A 202 -0.91 -59.39 23.44
C GLN A 202 -2.26 -59.70 22.79
N ASN A 203 -3.34 -59.63 23.58
CA ASN A 203 -4.68 -59.97 23.11
C ASN A 203 -5.66 -58.90 23.54
N PRO A 204 -5.70 -57.77 22.83
CA PRO A 204 -6.68 -56.73 23.16
C PRO A 204 -8.08 -57.00 22.64
N GLN A 205 -8.25 -57.99 21.77
CA GLN A 205 -9.56 -58.27 21.18
C GLN A 205 -10.41 -59.21 22.02
N CYS A 206 -9.79 -60.00 22.89
CA CYS A 206 -10.54 -60.95 23.71
C CYS A 206 -11.53 -60.21 24.60
N PRO A 207 -12.84 -60.46 24.46
CA PRO A 207 -13.83 -59.78 25.30
C PRO A 207 -13.97 -60.36 26.69
N ILE A 208 -13.26 -61.44 27.01
CA ILE A 208 -13.29 -62.03 28.34
C ILE A 208 -12.19 -61.40 29.19
N PHE A 209 -12.56 -60.90 30.36
CA PHE A 209 -11.63 -60.15 31.20
C PHE A 209 -11.42 -60.86 32.53
N ARG A 210 -10.18 -60.86 33.01
CA ARG A 210 -9.84 -61.32 34.34
C ARG A 210 -9.83 -60.13 35.29
N LEU A 211 -10.61 -60.23 36.36
CA LEU A 211 -10.71 -59.11 37.30
C LEU A 211 -9.35 -58.64 37.78
N GLY A 212 -8.48 -59.59 38.14
CA GLY A 212 -7.12 -59.24 38.52
C GLY A 212 -6.41 -58.44 37.45
N ASP A 213 -6.70 -58.73 36.18
CA ASP A 213 -6.12 -57.95 35.10
C ASP A 213 -6.64 -56.51 35.11
N ILE A 214 -7.94 -56.34 35.39
CA ILE A 214 -8.50 -54.99 35.46
C ILE A 214 -7.84 -54.21 36.59
N PHE A 215 -7.86 -54.78 37.81
CA PHE A 215 -7.26 -54.08 38.94
C PHE A 215 -5.77 -53.84 38.75
N GLN A 216 -5.10 -54.72 38.01
CA GLN A 216 -3.71 -54.45 37.64
C GLN A 216 -3.63 -53.29 36.66
N GLU A 217 -4.64 -53.13 35.80
CA GLU A 217 -4.68 -51.97 34.91
C GLU A 217 -4.85 -50.68 35.70
N THR A 218 -5.74 -50.69 36.69
CA THR A 218 -5.95 -49.51 37.52
C THR A 218 -4.93 -49.40 38.66
N GLY A 219 -4.16 -50.45 38.92
CA GLY A 219 -3.17 -50.40 39.97
C GLY A 219 -3.72 -50.50 41.37
N ASP A 220 -4.87 -51.13 41.55
CA ASP A 220 -5.50 -51.28 42.85
C ASP A 220 -5.46 -52.75 43.26
N SER A 221 -5.01 -53.01 44.48
CA SER A 221 -4.91 -54.37 44.97
C SER A 221 -6.30 -54.99 45.09
N PHE A 222 -6.50 -56.13 44.43
CA PHE A 222 -7.79 -56.81 44.51
C PHE A 222 -7.99 -57.44 45.89
N SER A 223 -6.96 -58.08 46.44
CA SER A 223 -7.10 -58.72 47.74
C SER A 223 -7.41 -57.69 48.82
N ASP A 224 -6.85 -56.49 48.71
CA ASP A 224 -7.10 -55.46 49.72
C ASP A 224 -8.49 -54.87 49.57
N VAL A 225 -8.96 -54.67 48.33
CA VAL A 225 -10.26 -54.05 48.12
C VAL A 225 -11.38 -55.02 48.43
N ALA A 226 -11.18 -56.32 48.17
CA ALA A 226 -12.25 -57.29 48.35
C ALA A 226 -12.73 -57.35 49.80
N ILE A 227 -11.88 -56.98 50.75
CA ILE A 227 -12.27 -57.05 52.16
C ILE A 227 -13.41 -56.07 52.43
N GLN A 228 -13.22 -54.81 52.06
CA GLN A 228 -14.21 -53.77 52.33
C GLN A 228 -15.19 -53.57 51.18
N GLY A 229 -14.83 -53.97 49.96
CA GLY A 229 -15.69 -53.77 48.82
C GLY A 229 -15.27 -52.57 47.99
N GLY A 230 -15.75 -52.53 46.74
CA GLY A 230 -15.38 -51.46 45.84
C GLY A 230 -16.32 -51.36 44.67
N ILE A 231 -16.18 -50.26 43.94
CA ILE A 231 -16.98 -49.97 42.75
C ILE A 231 -16.02 -49.69 41.60
N MET A 232 -15.97 -50.60 40.63
CA MET A 232 -15.10 -50.48 39.48
C MET A 232 -15.95 -50.39 38.21
N GLY A 233 -15.46 -49.64 37.24
CA GLY A 233 -16.15 -49.47 35.98
C GLY A 233 -15.24 -49.68 34.80
N ILE A 234 -15.82 -50.19 33.72
CA ILE A 234 -15.11 -50.46 32.48
C ILE A 234 -15.57 -49.44 31.44
N GLU A 235 -14.65 -48.57 31.03
CA GLU A 235 -14.96 -47.52 30.07
C GLU A 235 -14.56 -47.97 28.67
N ILE A 236 -15.43 -47.70 27.71
CA ILE A 236 -15.21 -48.05 26.31
C ILE A 236 -15.33 -46.77 25.49
N TYR A 237 -14.29 -46.45 24.73
CA TYR A 237 -14.25 -45.26 23.90
C TYR A 237 -14.28 -45.66 22.43
N TRP A 238 -15.04 -44.90 21.63
CA TRP A 238 -15.18 -45.15 20.20
C TRP A 238 -14.76 -43.89 19.45
N ASP A 239 -13.64 -43.97 18.73
CA ASP A 239 -13.17 -42.88 17.88
C ASP A 239 -13.47 -43.19 16.41
N CYS A 240 -14.72 -43.52 16.12
CA CYS A 240 -15.12 -43.97 14.79
C CYS A 240 -15.40 -42.79 13.87
N ASN A 241 -15.12 -43.00 12.58
CA ASN A 241 -15.39 -42.02 11.54
C ASN A 241 -16.05 -42.73 10.37
N LEU A 242 -17.20 -42.21 9.94
CA LEU A 242 -17.97 -42.83 8.86
C LEU A 242 -17.45 -42.45 7.47
N ASP A 243 -16.29 -41.81 7.38
CA ASP A 243 -15.74 -41.43 6.09
C ASP A 243 -15.31 -42.66 5.30
N GLY A 244 -15.55 -42.62 3.99
CA GLY A 244 -15.18 -43.75 3.15
C GLY A 244 -13.68 -43.93 3.01
N TRP A 245 -12.92 -42.83 3.02
CA TRP A 245 -11.46 -42.90 2.90
C TRP A 245 -10.85 -43.58 4.12
N PHE A 246 -10.85 -42.90 5.26
CA PHE A 246 -10.29 -43.44 6.50
C PHE A 246 -11.44 -43.93 7.36
N HIS A 247 -11.70 -45.24 7.30
CA HIS A 247 -12.77 -45.88 8.06
C HIS A 247 -12.15 -46.64 9.22
N HIS A 248 -12.20 -46.05 10.41
CA HIS A 248 -11.66 -46.66 11.62
C HIS A 248 -12.75 -46.71 12.67
N CYS A 249 -13.07 -47.91 13.16
CA CYS A 249 -14.10 -48.08 14.18
C CYS A 249 -13.74 -49.32 15.00
N ARG A 250 -12.93 -49.10 16.04
CA ARG A 250 -12.51 -50.16 16.93
C ARG A 250 -12.78 -49.76 18.38
N PRO A 251 -13.28 -50.69 19.20
CA PRO A 251 -13.56 -50.36 20.60
C PRO A 251 -12.27 -50.23 21.41
N LYS A 252 -12.10 -49.08 22.05
CA LYS A 252 -10.95 -48.84 22.93
C LYS A 252 -11.36 -49.13 24.37
N TYR A 253 -10.56 -49.93 25.05
CA TYR A 253 -10.87 -50.38 26.40
C TYR A 253 -9.99 -49.62 27.39
N SER A 254 -10.61 -48.73 28.17
CA SER A 254 -9.94 -48.00 29.23
C SER A 254 -10.58 -48.35 30.56
N PHE A 255 -9.77 -48.38 31.61
CA PHE A 255 -10.20 -48.83 32.93
C PHE A 255 -9.88 -47.77 33.97
N ARG A 256 -10.83 -47.52 34.87
CA ARG A 256 -10.68 -46.52 35.92
C ARG A 256 -11.54 -46.94 37.11
N ARG A 257 -11.03 -46.67 38.31
CA ARG A 257 -11.70 -47.07 39.54
C ARG A 257 -12.60 -45.94 40.01
N LEU A 258 -13.88 -46.25 40.24
CA LEU A 258 -14.81 -45.21 40.66
C LEU A 258 -14.83 -45.05 42.18
N ASP A 259 -14.43 -46.08 42.92
CA ASP A 259 -14.46 -46.03 44.37
C ASP A 259 -13.55 -44.91 44.88
N ASP A 260 -13.72 -44.57 46.16
CA ASP A 260 -12.97 -43.46 46.73
C ASP A 260 -11.59 -43.88 47.23
N LYS A 261 -11.38 -45.17 47.49
CA LYS A 261 -10.08 -45.62 47.98
C LYS A 261 -9.84 -45.12 49.41
N THR A 262 -9.58 -43.82 49.55
CA THR A 262 -9.22 -43.27 50.85
C THR A 262 -10.30 -43.55 51.89
N THR A 263 -11.56 -43.49 51.49
CA THR A 263 -12.67 -43.75 52.40
C THR A 263 -12.88 -42.59 53.35
N TYR A 268 -18.33 -45.00 55.34
CA TYR A 268 -18.80 -46.24 54.73
C TYR A 268 -18.25 -46.44 53.33
N PRO A 269 -16.93 -46.69 53.21
CA PRO A 269 -16.34 -46.89 51.89
C PRO A 269 -16.66 -48.26 51.31
N GLY A 270 -16.18 -48.51 50.10
CA GLY A 270 -16.48 -49.76 49.45
C GLY A 270 -17.95 -49.91 49.11
N TYR A 271 -18.31 -51.12 48.72
CA TYR A 271 -19.68 -51.46 48.35
C TYR A 271 -20.20 -52.53 49.29
N ASN A 272 -21.32 -52.24 49.95
CA ASN A 272 -21.91 -53.18 50.90
C ASN A 272 -23.35 -52.77 51.16
N PHE A 273 -24.22 -53.76 51.29
CA PHE A 273 -25.63 -53.50 51.57
C PHE A 273 -26.20 -54.67 52.37
N ARG A 274 -27.30 -54.39 53.06
CA ARG A 274 -27.99 -55.41 53.84
C ARG A 274 -28.98 -56.13 52.94
N TYR A 275 -28.86 -57.46 52.88
CA TYR A 275 -29.72 -58.31 52.06
C TYR A 275 -30.24 -59.44 52.94
N ALA A 276 -31.56 -59.57 53.02
CA ALA A 276 -32.19 -60.50 53.93
C ALA A 276 -32.94 -61.59 53.17
N LYS A 277 -33.11 -62.73 53.83
CA LYS A 277 -33.90 -63.84 53.32
C LYS A 277 -34.81 -64.32 54.44
N TYR A 278 -36.11 -64.27 54.20
CA TYR A 278 -37.11 -64.57 55.23
C TYR A 278 -37.55 -66.02 55.12
N TYR A 279 -37.58 -66.72 56.26
CA TYR A 279 -38.07 -68.08 56.32
C TYR A 279 -38.86 -68.28 57.60
N LYS A 280 -39.83 -69.18 57.55
CA LYS A 280 -40.67 -69.48 58.70
C LYS A 280 -40.21 -70.80 59.33
N GLU A 281 -40.02 -70.79 60.64
CA GLU A 281 -39.56 -71.97 61.37
C GLU A 281 -40.41 -72.15 62.62
N ASN A 282 -40.91 -73.36 62.83
CA ASN A 282 -41.73 -73.68 63.99
C ASN A 282 -42.91 -72.72 64.11
N ASN A 283 -43.57 -72.46 62.97
CA ASN A 283 -44.71 -71.56 62.92
C ASN A 283 -44.35 -70.17 63.43
N VAL A 284 -43.12 -69.73 63.17
CA VAL A 284 -42.63 -68.44 63.62
C VAL A 284 -41.95 -67.75 62.44
N GLU A 285 -42.31 -66.49 62.20
CA GLU A 285 -41.69 -65.70 61.15
C GLU A 285 -40.25 -65.37 61.53
N LYS A 286 -39.31 -65.66 60.63
CA LYS A 286 -37.90 -65.41 60.88
C LYS A 286 -37.27 -64.78 59.65
N ARG A 287 -36.16 -64.09 59.86
CA ARG A 287 -35.43 -63.42 58.80
C ARG A 287 -33.94 -63.55 59.05
N THR A 288 -33.18 -63.68 57.95
CA THR A 288 -31.73 -63.76 58.00
C THR A 288 -31.14 -62.54 57.31
N LEU A 289 -30.36 -61.76 58.07
CA LEU A 289 -29.75 -60.53 57.56
C LEU A 289 -28.30 -60.82 57.21
N ILE A 290 -27.91 -60.43 55.99
CA ILE A 290 -26.57 -60.67 55.47
C ILE A 290 -25.99 -59.35 55.00
N LYS A 291 -24.87 -58.94 55.57
CA LYS A 291 -24.16 -57.74 55.13
C LYS A 291 -23.20 -58.13 54.01
N VAL A 292 -23.45 -57.60 52.82
CA VAL A 292 -22.72 -58.01 51.62
C VAL A 292 -21.73 -56.91 51.25
N PHE A 293 -20.46 -57.31 51.10
CA PHE A 293 -19.40 -56.44 50.61
C PHE A 293 -18.93 -56.99 49.26
N GLY A 294 -18.90 -56.14 48.24
CA GLY A 294 -18.48 -56.60 46.94
C GLY A 294 -18.06 -55.44 46.05
N ILE A 295 -17.72 -55.77 44.81
CA ILE A 295 -17.29 -54.80 43.82
C ILE A 295 -18.35 -54.75 42.72
N ARG A 296 -18.82 -53.54 42.42
CA ARG A 296 -19.85 -53.33 41.41
C ARG A 296 -19.23 -52.68 40.18
N PHE A 297 -19.34 -53.36 39.04
CA PHE A 297 -18.74 -52.89 37.79
C PHE A 297 -19.78 -52.16 36.97
N ASP A 298 -19.45 -50.93 36.55
CA ASP A 298 -20.32 -50.12 35.70
C ASP A 298 -19.72 -50.05 34.30
N ILE A 299 -20.42 -50.61 33.33
CA ILE A 299 -19.98 -50.62 31.94
C ILE A 299 -20.43 -49.30 31.30
N LEU A 300 -19.46 -48.50 30.88
CA LEU A 300 -19.72 -47.21 30.27
C LEU A 300 -19.33 -47.25 28.80
N VAL A 301 -20.20 -46.75 27.93
CA VAL A 301 -19.99 -46.75 26.49
C VAL A 301 -20.07 -45.32 26.01
N PHE A 302 -18.93 -44.78 25.55
CA PHE A 302 -18.86 -43.44 25.00
C PHE A 302 -18.22 -43.51 23.61
N GLY A 303 -18.92 -42.97 22.61
CA GLY A 303 -18.44 -43.03 21.25
C GLY A 303 -18.70 -41.73 20.51
N THR A 304 -18.03 -41.60 19.36
CA THR A 304 -18.16 -40.43 18.51
C THR A 304 -18.23 -40.89 17.06
N GLY A 305 -19.32 -40.55 16.38
CA GLY A 305 -19.53 -40.91 14.99
C GLY A 305 -19.34 -39.70 14.09
N GLY A 306 -18.80 -39.93 12.90
CA GLY A 306 -18.54 -38.86 11.97
C GLY A 306 -18.79 -39.24 10.52
N LYS A 307 -19.93 -38.83 9.98
CA LYS A 307 -20.29 -39.07 8.59
C LYS A 307 -20.21 -37.75 7.84
N PHE A 308 -19.25 -37.66 6.91
CA PHE A 308 -18.98 -36.40 6.22
C PHE A 308 -20.27 -35.75 5.73
N ASN A 309 -20.38 -34.45 5.97
CA ASN A 309 -21.53 -33.66 5.54
C ASN A 309 -21.04 -32.43 4.78
N VAL A 310 -21.71 -32.12 3.67
CA VAL A 310 -21.30 -30.99 2.85
C VAL A 310 -21.50 -29.68 3.60
N ILE A 311 -22.58 -29.57 4.37
CA ILE A 311 -22.87 -28.34 5.09
C ILE A 311 -21.74 -28.03 6.07
N GLN A 312 -21.23 -29.05 6.76
CA GLN A 312 -20.15 -28.83 7.72
C GLN A 312 -18.91 -28.30 7.03
N LEU A 313 -18.48 -28.96 5.95
CA LEU A 313 -17.31 -28.50 5.22
C LEU A 313 -17.50 -27.07 4.72
N ALA A 314 -18.68 -26.77 4.18
CA ALA A 314 -18.95 -25.42 3.71
C ALA A 314 -18.86 -24.40 4.84
N VAL A 315 -19.34 -24.77 6.03
CA VAL A 315 -19.27 -23.87 7.18
C VAL A 315 -17.83 -23.63 7.58
N TYR A 316 -17.04 -24.70 7.71
CA TYR A 316 -15.63 -24.56 8.07
C TYR A 316 -14.89 -23.69 7.06
N ILE A 317 -15.09 -23.95 5.77
CA ILE A 317 -14.44 -23.14 4.74
C ILE A 317 -14.86 -21.68 4.85
N GLY A 318 -16.16 -21.45 5.04
CA GLY A 318 -16.63 -20.08 5.20
C GLY A 318 -16.01 -19.37 6.39
N SER A 319 -15.76 -20.10 7.48
CA SER A 319 -15.13 -19.50 8.65
C SER A 319 -13.64 -19.26 8.44
N VAL A 320 -12.97 -20.13 7.67
CA VAL A 320 -11.54 -19.95 7.46
C VAL A 320 -11.24 -18.89 6.41
N ILE A 321 -12.18 -18.65 5.50
CA ILE A 321 -11.95 -17.68 4.43
C ILE A 321 -11.64 -16.31 5.01
N SER A 322 -12.45 -15.86 5.98
CA SER A 322 -12.22 -14.56 6.60
C SER A 322 -10.85 -14.51 7.27
N TYR A 323 -10.46 -15.59 7.96
CA TYR A 323 -9.14 -15.62 8.59
C TYR A 323 -8.03 -15.49 7.56
N PHE A 324 -8.16 -16.18 6.43
CA PHE A 324 -7.15 -16.07 5.38
C PHE A 324 -7.08 -14.65 4.83
N GLY A 325 -8.24 -14.06 4.54
CA GLY A 325 -8.25 -12.69 4.04
C GLY A 325 -7.61 -11.72 5.00
N LEU A 326 -7.93 -11.83 6.28
CA LEU A 326 -7.31 -10.97 7.29
C LEU A 326 -5.81 -11.20 7.35
N ALA A 327 -5.38 -12.45 7.21
CA ALA A 327 -3.94 -12.75 7.19
C ALA A 327 -3.27 -12.08 5.99
N THR A 328 -3.97 -12.00 4.86
CA THR A 328 -3.41 -11.32 3.70
C THR A 328 -3.41 -9.81 3.88
N VAL A 329 -4.38 -9.28 4.63
CA VAL A 329 -4.42 -7.83 4.85
C VAL A 329 -3.29 -7.40 5.77
N PHE A 330 -3.10 -8.10 6.88
CA PHE A 330 -2.04 -7.79 7.82
C PHE A 330 -2.21 -6.38 8.39
N HIS B 14 40.58 89.12 -78.71
CA HIS B 14 39.21 89.35 -79.16
C HIS B 14 38.64 88.10 -79.81
N ALA B 15 39.25 87.68 -80.92
CA ALA B 15 38.78 86.49 -81.61
C ALA B 15 38.95 85.24 -80.75
N LEU B 16 40.08 85.14 -80.03
CA LEU B 16 40.28 84.00 -79.15
C LEU B 16 39.20 83.91 -78.09
N VAL B 17 38.67 85.05 -77.65
CA VAL B 17 37.57 85.04 -76.69
C VAL B 17 36.30 84.48 -77.33
N PHE B 18 36.09 84.74 -78.62
CA PHE B 18 34.92 84.18 -79.30
C PHE B 18 35.07 82.69 -79.50
N SER B 19 36.23 82.24 -79.98
CA SER B 19 36.46 80.81 -80.13
C SER B 19 36.33 80.08 -78.80
N TYR B 20 36.92 80.66 -77.74
CA TYR B 20 36.77 80.06 -76.41
C TYR B 20 35.32 80.09 -75.94
N ILE B 21 34.54 81.08 -76.39
CA ILE B 21 33.12 81.13 -76.04
C ILE B 21 32.37 80.00 -76.74
N SER B 22 32.74 79.70 -77.99
CA SER B 22 32.12 78.57 -78.68
C SER B 22 32.51 77.25 -78.05
N PHE B 23 33.79 77.10 -77.68
CA PHE B 23 34.22 75.88 -77.02
C PHE B 23 33.52 75.69 -75.68
N ALA B 24 33.36 76.77 -74.91
CA ALA B 24 32.63 76.68 -73.65
C ALA B 24 31.17 76.36 -73.89
N LEU B 25 30.58 76.92 -74.95
CA LEU B 25 29.19 76.61 -75.27
C LEU B 25 29.03 75.14 -75.63
N ILE B 26 30.04 74.56 -76.30
CA ILE B 26 29.99 73.14 -76.63
C ILE B 26 30.19 72.29 -75.38
N SER B 27 31.02 72.75 -74.44
CA SER B 27 31.23 72.00 -73.21
C SER B 27 30.00 72.03 -72.33
N ASP B 28 29.32 73.17 -72.26
CA ASP B 28 28.12 73.30 -71.45
C ASP B 28 26.90 72.79 -72.20
N PRO B 36 16.07 63.09 -66.45
CA PRO B 36 15.08 62.24 -65.79
C PRO B 36 15.43 60.75 -65.86
N LEU B 37 15.92 60.18 -64.76
CA LEU B 37 16.30 58.78 -64.70
C LEU B 37 15.34 58.04 -63.77
N ILE B 38 14.78 56.94 -64.26
CA ILE B 38 13.86 56.11 -63.49
C ILE B 38 14.62 54.87 -63.04
N SER B 39 14.66 54.63 -61.73
CA SER B 39 15.42 53.54 -61.15
C SER B 39 14.50 52.62 -60.35
N SER B 40 14.71 51.32 -60.49
CA SER B 40 14.01 50.31 -59.70
C SER B 40 15.05 49.43 -59.04
N VAL B 41 15.09 49.47 -57.71
CA VAL B 41 16.13 48.79 -56.93
C VAL B 41 15.50 47.66 -56.13
N HIS B 42 16.18 46.51 -56.10
CA HIS B 42 15.80 45.37 -55.29
C HIS B 42 17.05 44.86 -54.57
N THR B 43 16.97 44.77 -53.24
CA THR B 43 18.11 44.38 -52.42
C THR B 43 17.82 43.07 -51.72
N LYS B 44 18.82 42.20 -51.67
CA LYS B 44 18.73 40.91 -50.99
C LYS B 44 19.93 40.76 -50.08
N VAL B 45 19.66 40.59 -48.78
CA VAL B 45 20.74 40.42 -47.81
C VAL B 45 21.20 38.98 -47.81
N LYS B 46 22.52 38.78 -47.74
CA LYS B 46 23.11 37.45 -47.78
C LYS B 46 23.95 37.22 -46.53
N GLY B 47 24.00 35.97 -46.11
CA GLY B 47 24.80 35.56 -44.97
C GLY B 47 23.96 35.39 -43.71
N ILE B 48 24.49 34.61 -42.78
CA ILE B 48 23.89 34.40 -41.47
C ILE B 48 24.93 34.74 -40.41
N ALA B 49 24.44 35.05 -39.22
CA ALA B 49 25.31 35.50 -38.14
C ALA B 49 25.01 34.75 -36.85
N GLU B 50 26.05 34.29 -36.16
CA GLU B 50 25.91 33.58 -34.91
C GLU B 50 26.14 34.54 -33.75
N VAL B 51 25.20 34.56 -32.79
CA VAL B 51 25.29 35.40 -31.62
C VAL B 51 25.45 34.50 -30.39
N LYS B 52 26.55 34.68 -29.67
CA LYS B 52 26.86 33.90 -28.47
C LYS B 52 27.48 34.85 -27.43
N ALA B 53 26.67 35.77 -26.92
CA ALA B 53 27.10 36.74 -25.92
C ALA B 53 26.17 36.69 -24.73
N GLU B 54 26.74 36.90 -23.55
CA GLU B 54 25.99 36.89 -22.30
C GLU B 54 25.75 38.32 -21.82
N ILE B 55 24.50 38.63 -21.48
CA ILE B 55 24.12 39.94 -20.98
C ILE B 55 23.13 39.76 -19.83
N LEU B 56 23.34 40.49 -18.75
CA LEU B 56 22.45 40.38 -17.59
C LEU B 56 21.08 40.99 -17.92
N GLU B 57 20.04 40.34 -17.40
CA GLU B 57 18.66 40.78 -17.62
C GLU B 57 17.92 40.74 -16.29
N ASN B 58 17.26 41.86 -15.95
CA ASN B 58 16.51 41.96 -14.71
C ASN B 58 17.40 41.66 -13.50
N GLY B 59 18.62 42.20 -13.55
CA GLY B 59 19.58 41.99 -12.48
C GLY B 59 20.15 40.60 -12.37
N MET B 60 19.86 39.71 -13.33
CA MET B 60 20.38 38.36 -13.33
C MET B 60 21.11 38.09 -14.64
N LYS B 61 22.25 37.42 -14.55
CA LYS B 61 23.04 37.13 -15.74
C LYS B 61 22.27 36.18 -16.67
N LYS B 62 22.32 36.48 -17.96
CA LYS B 62 21.64 35.68 -18.97
C LYS B 62 22.56 35.45 -20.15
N MET B 63 22.43 34.29 -20.77
CA MET B 63 23.24 33.91 -21.93
C MET B 63 22.37 33.93 -23.18
N VAL B 64 22.89 34.54 -24.24
CA VAL B 64 22.20 34.65 -25.52
C VAL B 64 23.03 33.92 -26.57
N SER B 65 22.40 32.96 -27.24
CA SER B 65 23.06 32.19 -28.28
C SER B 65 22.04 31.79 -29.34
N GLY B 66 22.50 31.68 -30.57
CA GLY B 66 21.63 31.30 -31.67
C GLY B 66 22.19 31.79 -32.99
N VAL B 67 21.49 31.40 -34.05
CA VAL B 67 21.87 31.75 -35.42
C VAL B 67 20.76 32.61 -36.03
N PHE B 68 21.17 33.62 -36.79
CA PHE B 68 20.26 34.56 -37.42
C PHE B 68 20.41 34.48 -38.93
N ASP B 69 19.28 34.29 -39.62
CA ASP B 69 19.24 34.20 -41.06
C ASP B 69 19.00 35.58 -41.68
N THR B 70 18.87 35.62 -43.01
CA THR B 70 18.61 36.88 -43.69
C THR B 70 17.33 37.54 -43.20
N ALA B 71 16.25 36.76 -43.12
CA ALA B 71 14.96 37.31 -42.73
C ALA B 71 14.91 37.75 -41.27
N ASP B 72 15.86 37.28 -40.44
CA ASP B 72 15.81 37.63 -39.03
C ASP B 72 16.33 39.05 -38.78
N TYR B 73 17.37 39.47 -39.51
CA TYR B 73 18.01 40.75 -39.26
C TYR B 73 17.76 41.76 -40.37
N THR B 74 16.68 41.61 -41.14
CA THR B 74 16.37 42.54 -42.22
C THR B 74 14.89 42.87 -42.22
N PHE B 75 14.57 44.04 -42.74
CA PHE B 75 13.20 44.52 -42.89
C PHE B 75 12.92 44.84 -44.34
N PRO B 76 11.65 44.88 -44.74
CA PRO B 76 11.32 45.18 -46.14
C PRO B 76 11.90 46.50 -46.58
N LEU B 77 12.30 46.56 -47.85
CA LEU B 77 12.89 47.76 -48.40
C LEU B 77 11.86 48.88 -48.48
N GLN B 78 12.25 50.08 -48.03
CA GLN B 78 11.37 51.24 -48.03
C GLN B 78 12.11 52.42 -48.65
N GLY B 79 11.55 52.98 -49.71
CA GLY B 79 12.16 54.11 -50.36
C GLY B 79 13.52 53.81 -50.96
N ASN B 80 13.69 52.61 -51.50
CA ASN B 80 14.96 52.20 -52.12
C ASN B 80 16.09 52.17 -51.10
N SER B 81 15.78 51.67 -49.90
CA SER B 81 16.76 51.55 -48.83
C SER B 81 16.40 50.36 -47.96
N PHE B 82 17.42 49.76 -47.35
CA PHE B 82 17.24 48.58 -46.52
C PHE B 82 17.97 48.74 -45.20
N PHE B 83 17.54 47.97 -44.21
CA PHE B 83 18.06 48.03 -42.85
C PHE B 83 18.57 46.66 -42.44
N VAL B 84 19.64 46.63 -41.66
CA VAL B 84 20.24 45.39 -41.17
C VAL B 84 20.45 45.51 -39.67
N MET B 85 19.96 44.52 -38.92
CA MET B 85 20.13 44.51 -37.48
C MET B 85 21.55 44.14 -37.10
N THR B 86 22.09 44.86 -36.12
CA THR B 86 23.43 44.60 -35.60
C THR B 86 23.45 44.31 -34.12
N ASN B 87 22.57 44.95 -33.34
CA ASN B 87 22.49 44.74 -31.91
C ASN B 87 21.03 44.88 -31.50
N PHE B 88 20.70 44.32 -30.34
CA PHE B 88 19.32 44.38 -29.87
C PHE B 88 19.28 44.17 -28.36
N ILE B 89 18.18 44.65 -27.77
CA ILE B 89 17.87 44.41 -26.37
C ILE B 89 16.49 43.77 -26.32
N LYS B 90 16.42 42.57 -25.75
CA LYS B 90 15.19 41.80 -25.75
C LYS B 90 14.52 41.86 -24.38
N THR B 91 13.20 42.00 -24.39
CA THR B 91 12.39 42.02 -23.18
C THR B 91 11.17 41.16 -23.42
N GLU B 92 11.11 40.01 -22.77
CA GLU B 92 10.07 39.02 -22.98
C GLU B 92 9.13 38.95 -21.79
N GLY B 93 7.92 38.47 -22.04
CA GLY B 93 6.93 38.27 -21.00
C GLY B 93 6.14 39.50 -20.60
N GLN B 94 6.33 40.63 -21.27
CA GLN B 94 5.59 41.83 -20.93
C GLN B 94 4.09 41.60 -21.06
N GLN B 95 3.33 42.08 -20.08
CA GLN B 95 1.88 41.98 -20.11
C GLN B 95 1.30 43.24 -19.49
N GLN B 96 0.18 43.71 -20.05
CA GLN B 96 -0.45 44.93 -19.56
C GLN B 96 -0.81 44.77 -18.08
N GLY B 97 -0.40 45.75 -17.29
CA GLY B 97 -0.71 45.72 -15.87
C GLY B 97 -0.10 46.91 -15.16
N LEU B 98 -0.01 46.80 -13.83
CA LEU B 98 0.59 47.83 -13.00
C LEU B 98 1.90 47.29 -12.40
N CYS B 99 2.93 48.13 -12.43
CA CYS B 99 4.24 47.73 -11.94
C CYS B 99 5.09 48.97 -11.71
N PRO B 100 6.08 48.92 -10.83
CA PRO B 100 6.93 50.09 -10.60
C PRO B 100 7.74 50.43 -11.84
N ASP B 101 7.91 51.72 -12.09
CA ASP B 101 8.71 52.16 -13.22
C ASP B 101 10.19 51.96 -12.93
N PHE B 102 10.97 51.81 -13.99
CA PHE B 102 12.40 51.59 -13.84
C PHE B 102 13.06 52.82 -13.23
N PRO B 103 13.91 52.67 -12.22
CA PRO B 103 14.53 53.83 -11.59
C PRO B 103 15.34 54.65 -12.58
N THR B 104 15.06 55.95 -12.64
CA THR B 104 15.79 56.87 -13.50
C THR B 104 15.82 58.23 -12.82
N ALA B 105 16.60 59.14 -13.41
CA ALA B 105 16.73 60.48 -12.83
C ALA B 105 15.38 61.13 -12.62
N ARG B 106 14.45 60.90 -13.54
CA ARG B 106 13.12 61.52 -13.48
C ARG B 106 12.04 60.58 -12.99
N THR B 107 12.36 59.31 -12.76
CA THR B 107 11.39 58.32 -12.32
C THR B 107 11.47 58.02 -10.83
N ILE B 108 12.47 58.55 -10.12
CA ILE B 108 12.65 58.25 -8.70
C ILE B 108 11.50 58.88 -7.91
N CYS B 109 10.79 58.06 -7.14
CA CYS B 109 9.72 58.52 -6.28
C CYS B 109 10.22 58.56 -4.84
N SER B 110 10.14 59.73 -4.20
CA SER B 110 10.56 59.86 -2.82
C SER B 110 9.45 59.42 -1.86
N SER B 111 8.23 59.90 -2.09
CA SER B 111 7.08 59.54 -1.28
C SER B 111 5.83 59.55 -2.14
N ASP B 112 4.74 59.02 -1.59
CA ASP B 112 3.49 58.94 -2.34
C ASP B 112 3.11 60.30 -2.92
N ARG B 113 3.33 61.38 -2.15
CA ARG B 113 3.05 62.72 -2.64
C ARG B 113 4.01 63.14 -3.74
N GLY B 114 5.21 62.57 -3.78
CA GLY B 114 6.16 62.94 -4.81
C GLY B 114 5.70 62.57 -6.21
N CYS B 115 4.84 61.57 -6.32
CA CYS B 115 4.32 61.13 -7.60
C CYS B 115 2.96 61.75 -7.89
N LYS B 116 2.56 61.68 -9.16
CA LYS B 116 1.32 62.27 -9.64
C LYS B 116 0.45 61.17 -10.24
N LYS B 117 -0.78 61.04 -9.73
CA LYS B 117 -1.69 60.03 -10.23
C LYS B 117 -2.23 60.45 -11.60
N GLY B 118 -2.23 59.51 -12.54
CA GLY B 118 -2.71 59.79 -13.87
C GLY B 118 -1.86 60.76 -14.66
N ARG B 119 -0.54 60.77 -14.43
CA ARG B 119 0.39 61.63 -15.14
C ARG B 119 1.46 60.79 -15.81
N MET B 120 1.82 61.15 -17.03
CA MET B 120 2.81 60.43 -17.81
C MET B 120 3.84 61.41 -18.36
N ASP B 121 5.11 61.20 -18.00
CA ASP B 121 6.17 62.03 -18.52
C ASP B 121 6.48 61.65 -19.97
N PRO B 122 6.99 62.60 -20.76
CA PRO B 122 7.28 62.26 -22.17
C PRO B 122 8.31 61.16 -22.33
N GLN B 123 9.41 61.22 -21.57
CA GLN B 123 10.39 60.15 -21.64
C GLN B 123 9.89 58.87 -21.01
N SER B 124 9.04 58.97 -19.99
CA SER B 124 8.51 57.78 -19.32
C SER B 124 7.59 57.00 -20.26
N LYS B 125 7.56 55.68 -20.06
CA LYS B 125 6.76 54.78 -20.88
C LYS B 125 5.57 54.20 -20.12
N GLY B 126 5.17 54.84 -19.02
CA GLY B 126 4.04 54.36 -18.25
C GLY B 126 3.28 55.52 -17.63
N ILE B 127 2.04 55.23 -17.25
CA ILE B 127 1.17 56.22 -16.60
C ILE B 127 1.24 56.00 -15.10
N GLN B 128 1.70 57.01 -14.38
CA GLN B 128 1.86 56.90 -12.94
C GLN B 128 0.50 56.82 -12.26
N THR B 129 0.36 55.87 -11.33
CA THR B 129 -0.86 55.69 -10.57
C THR B 129 -0.87 56.52 -9.28
N GLY B 130 0.15 57.32 -9.05
CA GLY B 130 0.20 58.15 -7.86
C GLY B 130 0.54 57.41 -6.59
N ARG B 131 1.28 56.30 -6.69
CA ARG B 131 1.63 55.50 -5.52
C ARG B 131 3.13 55.19 -5.57
N CYS B 132 3.81 55.41 -4.45
CA CYS B 132 5.24 55.20 -4.34
C CYS B 132 5.50 53.75 -3.97
N VAL B 133 6.20 53.02 -4.84
CA VAL B 133 6.52 51.62 -4.60
C VAL B 133 8.01 51.41 -4.75
N VAL B 134 8.48 50.27 -4.27
CA VAL B 134 9.90 49.93 -4.28
C VAL B 134 10.18 49.05 -5.49
N TYR B 135 11.15 49.47 -6.31
CA TYR B 135 11.55 48.68 -7.47
C TYR B 135 12.47 47.55 -7.06
N LYS B 136 13.44 47.82 -6.18
CA LYS B 136 14.38 46.79 -5.73
C LYS B 136 15.24 47.31 -4.60
N GLU B 137 15.12 46.68 -3.42
CA GLU B 137 15.94 47.01 -2.25
C GLU B 137 15.79 48.47 -1.87
N ARG B 138 14.59 48.79 -1.39
CA ARG B 138 14.29 50.09 -0.79
C ARG B 138 14.63 51.25 -1.73
N LEU B 139 14.49 51.01 -3.04
CA LEU B 139 14.62 52.05 -4.06
C LEU B 139 13.23 52.29 -4.63
N LYS B 140 12.69 53.48 -4.36
CA LYS B 140 11.27 53.76 -4.61
C LYS B 140 11.11 54.57 -5.89
N THR B 141 10.43 53.98 -6.86
CA THR B 141 9.88 54.69 -8.01
C THR B 141 8.35 54.58 -7.95
N CYS B 142 7.68 55.32 -8.82
CA CYS B 142 6.22 55.39 -8.79
C CYS B 142 5.61 54.25 -9.58
N GLU B 143 4.54 53.68 -9.03
CA GLU B 143 3.80 52.63 -9.72
C GLU B 143 3.16 53.19 -10.98
N VAL B 144 3.42 52.52 -12.11
CA VAL B 144 2.90 52.96 -13.40
C VAL B 144 2.07 51.84 -14.00
N SER B 145 1.19 52.21 -14.92
CA SER B 145 0.33 51.27 -15.63
C SER B 145 0.79 51.20 -17.09
N ALA B 146 1.27 50.02 -17.49
CA ALA B 146 1.74 49.81 -18.85
C ALA B 146 2.20 48.37 -19.03
N TRP B 147 3.15 48.15 -19.94
CA TRP B 147 3.71 46.81 -20.11
C TRP B 147 4.57 46.46 -18.91
N CYS B 148 4.29 45.32 -18.29
CA CYS B 148 4.96 44.89 -17.08
C CYS B 148 5.65 43.56 -17.29
N PRO B 149 6.94 43.44 -16.93
CA PRO B 149 7.69 44.58 -16.40
C PRO B 149 8.19 45.51 -17.48
N ILE B 150 8.41 46.79 -17.15
CA ILE B 150 8.89 47.74 -18.13
C ILE B 150 10.31 47.37 -18.55
N GLU B 151 10.64 47.71 -19.81
CA GLU B 151 11.98 47.44 -20.31
C GLU B 151 13.00 48.26 -19.52
N GLU B 152 14.08 47.61 -19.11
CA GLU B 152 15.10 48.28 -18.31
C GLU B 152 15.92 49.23 -19.18
N VAL B 153 16.15 50.44 -18.67
CA VAL B 153 16.87 51.46 -19.42
C VAL B 153 18.36 51.11 -19.47
N LYS B 154 18.71 50.15 -20.31
CA LYS B 154 20.09 49.75 -20.53
C LYS B 154 20.55 50.21 -21.90
N ASP B 155 21.74 50.80 -21.97
CA ASP B 155 22.28 51.21 -23.24
C ASP B 155 22.76 49.99 -24.04
N ALA B 156 23.19 50.24 -25.26
CA ALA B 156 23.58 49.16 -26.15
C ALA B 156 24.71 48.33 -25.52
N PRO B 157 24.69 47.02 -25.69
CA PRO B 157 25.78 46.20 -25.16
C PRO B 157 27.11 46.52 -25.84
N ARG B 158 28.19 46.39 -25.07
CA ARG B 158 29.52 46.72 -25.57
C ARG B 158 29.84 45.96 -26.84
N PRO B 159 29.86 44.63 -26.86
CA PRO B 159 30.17 43.91 -28.10
C PRO B 159 28.92 43.75 -28.96
N ALA B 160 28.97 44.26 -30.18
CA ALA B 160 27.84 44.12 -31.10
C ALA B 160 27.51 42.65 -31.32
N LEU B 161 26.31 42.25 -30.94
CA LEU B 161 25.91 40.85 -31.07
C LEU B 161 26.07 40.37 -32.51
N LEU B 162 25.58 41.16 -33.47
CA LEU B 162 25.73 40.84 -34.89
C LEU B 162 27.09 41.31 -35.43
N ASN B 163 28.17 40.90 -34.75
CA ASN B 163 29.50 41.30 -35.19
C ASN B 163 29.79 40.81 -36.61
N SER B 164 29.14 39.73 -37.04
CA SER B 164 29.36 39.18 -38.36
C SER B 164 28.63 39.95 -39.45
N ALA B 165 27.89 41.01 -39.10
CA ALA B 165 27.12 41.73 -40.11
C ALA B 165 28.02 42.41 -41.13
N GLU B 166 29.25 42.77 -40.76
CA GLU B 166 30.16 43.36 -41.74
C GLU B 166 30.51 42.36 -42.83
N ASN B 167 30.72 41.10 -42.46
CA ASN B 167 31.00 40.05 -43.43
C ASN B 167 29.81 39.75 -44.34
N PHE B 168 28.62 40.25 -44.01
CA PHE B 168 27.45 40.03 -44.85
C PHE B 168 27.66 40.64 -46.23
N THR B 169 27.03 40.03 -47.23
CA THR B 169 27.07 40.51 -48.60
C THR B 169 25.67 40.92 -49.03
N VAL B 170 25.57 42.06 -49.70
CA VAL B 170 24.30 42.62 -50.13
C VAL B 170 24.22 42.54 -51.65
N LEU B 171 23.03 42.19 -52.16
CA LEU B 171 22.77 42.13 -53.59
C LEU B 171 21.88 43.31 -53.96
N ILE B 172 22.39 44.18 -54.84
CA ILE B 172 21.68 45.38 -55.26
C ILE B 172 21.39 45.27 -56.75
N LYS B 173 20.11 45.36 -57.11
CA LYS B 173 19.67 45.32 -58.50
C LYS B 173 19.04 46.66 -58.84
N ASN B 174 19.72 47.43 -59.70
CA ASN B 174 19.27 48.76 -60.07
C ASN B 174 18.90 48.78 -61.55
N ASN B 175 17.71 49.29 -61.85
CA ASN B 175 17.21 49.44 -63.21
C ASN B 175 17.08 50.92 -63.52
N ILE B 176 17.86 51.39 -64.50
CA ILE B 176 17.88 52.79 -64.89
C ILE B 176 17.27 52.93 -66.29
N ASP B 177 16.44 53.94 -66.46
CA ASP B 177 15.75 54.19 -67.72
C ASP B 177 15.67 55.69 -67.97
N PHE B 178 15.90 56.07 -69.22
CA PHE B 178 15.79 57.46 -69.65
C PHE B 178 14.65 57.60 -70.64
N PRO B 179 13.69 58.49 -70.40
CA PRO B 179 12.54 58.61 -71.32
C PRO B 179 12.94 59.16 -72.68
N GLY B 180 13.68 60.27 -72.68
CA GLY B 180 14.11 60.85 -73.94
C GLY B 180 14.94 59.89 -74.78
N HIS B 181 15.84 59.16 -74.13
CA HIS B 181 16.69 58.20 -74.86
C HIS B 181 16.04 56.83 -75.00
N ASN B 182 14.96 56.56 -74.27
CA ASN B 182 14.29 55.27 -74.32
C ASN B 182 15.25 54.15 -73.96
N TYR B 183 16.05 54.38 -72.92
CA TYR B 183 17.07 53.42 -72.52
C TYR B 183 16.44 52.09 -72.14
N THR B 184 17.28 51.06 -72.07
CA THR B 184 16.82 49.70 -71.80
C THR B 184 17.91 48.95 -71.05
N THR B 185 17.52 47.83 -70.45
CA THR B 185 18.46 46.93 -69.78
C THR B 185 18.96 47.52 -68.47
N ARG B 186 19.63 46.70 -67.65
CA ARG B 186 20.17 47.14 -66.36
C ARG B 186 20.92 46.00 -65.69
N ASN B 187 21.55 46.29 -64.55
CA ASN B 187 22.30 45.27 -63.81
C ASN B 187 23.47 44.80 -64.68
N ILE B 188 23.85 43.53 -64.58
CA ILE B 188 24.95 42.96 -65.33
C ILE B 188 24.40 41.95 -66.33
N LEU B 189 24.97 41.96 -67.54
CA LEU B 189 24.54 41.06 -68.60
C LEU B 189 25.15 39.67 -68.43
N PRO B 190 26.45 39.55 -68.25
CA PRO B 190 27.06 38.21 -68.14
C PRO B 190 26.56 37.47 -66.92
N GLY B 191 26.05 36.26 -67.14
CA GLY B 191 25.57 35.39 -66.09
C GLY B 191 26.62 34.50 -65.46
N VAL B 192 27.87 34.60 -65.90
CA VAL B 192 28.92 33.77 -65.31
C VAL B 192 29.31 34.29 -63.93
N ASN B 193 29.19 35.60 -63.70
CA ASN B 193 29.54 36.20 -62.42
C ASN B 193 28.39 35.98 -61.43
N ILE B 194 28.25 34.72 -61.01
CA ILE B 194 27.18 34.38 -60.07
C ILE B 194 27.56 34.77 -58.65
N THR B 195 28.82 34.54 -58.26
CA THR B 195 29.31 34.88 -56.94
C THR B 195 30.59 35.69 -57.08
N CYS B 196 30.61 36.87 -56.46
CA CYS B 196 31.76 37.76 -56.54
C CYS B 196 31.58 38.89 -55.53
N THR B 197 32.70 39.47 -55.12
CA THR B 197 32.72 40.55 -54.15
C THR B 197 33.17 41.83 -54.83
N PHE B 198 32.44 42.92 -54.58
CA PHE B 198 32.78 44.20 -55.19
C PHE B 198 34.10 44.73 -54.65
N HIS B 199 34.90 45.30 -55.55
CA HIS B 199 36.17 45.93 -55.20
C HIS B 199 36.22 47.31 -55.84
N LYS B 200 36.83 48.26 -55.13
CA LYS B 200 36.90 49.63 -55.64
C LYS B 200 37.56 49.68 -57.00
N THR B 201 38.62 48.89 -57.20
CA THR B 201 39.35 48.85 -58.46
C THR B 201 39.44 47.47 -59.08
N GLN B 202 39.43 46.40 -58.27
CA GLN B 202 39.56 45.06 -58.83
C GLN B 202 38.34 44.67 -59.64
N ASN B 203 37.14 44.77 -59.05
CA ASN B 203 35.89 44.39 -59.71
C ASN B 203 34.83 45.43 -59.41
N PRO B 204 34.79 46.52 -60.20
CA PRO B 204 33.76 47.53 -59.98
C PRO B 204 32.40 47.13 -60.51
N GLN B 205 32.32 46.18 -61.45
CA GLN B 205 31.05 45.75 -61.99
C GLN B 205 30.30 44.81 -61.06
N CYS B 206 30.97 44.24 -60.07
CA CYS B 206 30.32 43.31 -59.16
C CYS B 206 29.20 44.02 -58.40
N PRO B 207 27.96 43.50 -58.42
CA PRO B 207 26.88 44.15 -57.67
C PRO B 207 26.80 43.73 -56.21
N ILE B 208 27.53 42.70 -55.79
CA ILE B 208 27.51 42.25 -54.41
C ILE B 208 28.50 43.07 -53.60
N PHE B 209 28.06 43.57 -52.45
CA PHE B 209 28.88 44.42 -51.60
C PHE B 209 29.02 43.79 -50.22
N ARG B 210 30.24 43.73 -49.71
CA ARG B 210 30.49 43.32 -48.34
C ARG B 210 30.48 44.56 -47.45
N LEU B 211 29.75 44.49 -46.34
CA LEU B 211 29.62 45.64 -45.45
C LEU B 211 30.98 46.24 -45.11
N GLY B 212 31.93 45.38 -44.70
CA GLY B 212 33.26 45.86 -44.38
C GLY B 212 33.87 46.71 -45.48
N ASP B 213 33.56 46.39 -46.74
CA ASP B 213 34.06 47.20 -47.84
C ASP B 213 33.47 48.61 -47.79
N ILE B 214 32.16 48.71 -47.58
CA ILE B 214 31.53 50.03 -47.49
C ILE B 214 32.09 50.81 -46.31
N PHE B 215 32.31 50.14 -45.18
CA PHE B 215 32.89 50.82 -44.03
C PHE B 215 34.32 51.27 -44.29
N GLN B 216 35.08 50.50 -45.07
CA GLN B 216 36.43 50.92 -45.43
C GLN B 216 36.39 52.13 -46.35
N GLU B 217 35.45 52.15 -47.29
CA GLU B 217 35.33 53.30 -48.19
C GLU B 217 35.09 54.58 -47.39
N THR B 218 34.24 54.53 -46.38
CA THR B 218 34.00 55.66 -45.50
C THR B 218 34.97 55.71 -44.31
N GLY B 219 35.76 54.66 -44.11
CA GLY B 219 36.73 54.65 -43.03
C GLY B 219 36.13 54.55 -41.65
N ASP B 220 34.98 53.88 -41.52
CA ASP B 220 34.29 53.73 -40.25
C ASP B 220 34.35 52.27 -39.81
N SER B 221 34.77 52.04 -38.57
CA SER B 221 34.77 50.70 -38.02
C SER B 221 33.36 50.14 -37.98
N PHE B 222 33.20 48.89 -38.42
CA PHE B 222 31.87 48.27 -38.42
C PHE B 222 31.37 48.06 -36.99
N SER B 223 32.22 47.51 -36.12
CA SER B 223 31.78 47.20 -34.76
C SER B 223 31.29 48.45 -34.03
N ASP B 224 32.04 49.55 -34.16
CA ASP B 224 31.63 50.79 -33.51
C ASP B 224 30.22 51.20 -33.91
N VAL B 225 29.93 51.19 -35.21
CA VAL B 225 28.61 51.59 -35.67
C VAL B 225 27.55 50.57 -35.26
N ALA B 226 27.91 49.29 -35.22
CA ALA B 226 26.92 48.26 -34.92
C ALA B 226 26.54 48.27 -33.44
N ILE B 227 27.47 48.62 -32.56
CA ILE B 227 27.17 48.64 -31.13
C ILE B 227 26.03 49.59 -30.84
N GLN B 228 26.14 50.84 -31.30
CA GLN B 228 25.13 51.85 -31.04
C GLN B 228 24.20 52.09 -32.22
N GLY B 229 24.49 51.53 -33.39
CA GLY B 229 23.66 51.78 -34.56
C GLY B 229 24.16 52.92 -35.41
N GLY B 230 23.86 52.85 -36.70
CA GLY B 230 24.33 53.86 -37.62
C GLY B 230 23.56 53.84 -38.93
N ILE B 231 23.77 54.91 -39.70
CA ILE B 231 23.12 55.09 -41.00
C ILE B 231 24.21 55.31 -42.04
N MET B 232 24.30 54.40 -43.01
CA MET B 232 25.24 54.50 -44.12
C MET B 232 24.48 54.79 -45.40
N GLY B 233 25.20 55.35 -46.37
CA GLY B 233 24.60 55.74 -47.63
C GLY B 233 25.45 55.45 -48.84
N ILE B 234 24.85 54.82 -49.84
CA ILE B 234 25.51 54.48 -51.10
C ILE B 234 25.03 55.47 -52.16
N GLU B 235 25.97 56.25 -52.70
CA GLU B 235 25.68 57.25 -53.72
C GLU B 235 26.24 56.78 -55.05
N ILE B 236 25.39 56.79 -56.08
CA ILE B 236 25.75 56.39 -57.43
C ILE B 236 25.61 57.59 -58.35
N TYR B 237 26.66 57.89 -59.10
CA TYR B 237 26.69 59.03 -60.01
C TYR B 237 26.68 58.52 -61.44
N TRP B 238 25.84 59.13 -62.28
CA TRP B 238 25.69 58.75 -63.68
C TRP B 238 25.95 59.96 -64.56
N ASP B 239 27.10 59.97 -65.22
CA ASP B 239 27.46 61.04 -66.15
C ASP B 239 27.29 60.57 -67.60
N CYS B 240 26.09 60.09 -67.90
CA CYS B 240 25.80 59.53 -69.21
C CYS B 240 25.50 60.63 -70.21
N ASN B 241 26.06 60.49 -71.42
CA ASN B 241 25.90 61.47 -72.48
C ASN B 241 25.19 60.83 -73.66
N LEU B 242 24.48 61.66 -74.42
CA LEU B 242 23.74 61.21 -75.61
C LEU B 242 24.56 61.28 -76.88
N ASP B 243 25.90 61.30 -76.76
CA ASP B 243 26.75 61.33 -77.95
C ASP B 243 26.56 60.07 -78.76
N GLY B 244 26.56 60.22 -80.09
CA GLY B 244 26.35 59.09 -80.97
C GLY B 244 27.58 58.25 -81.23
N TRP B 245 28.76 58.77 -80.93
CA TRP B 245 29.99 58.03 -81.17
C TRP B 245 30.02 56.73 -80.37
N PHE B 246 30.01 56.84 -79.04
CA PHE B 246 30.06 55.68 -78.16
C PHE B 246 28.95 55.77 -77.13
N HIS B 247 28.53 54.61 -76.63
CA HIS B 247 27.50 54.52 -75.60
C HIS B 247 28.18 54.52 -74.24
N HIS B 248 28.14 55.65 -73.55
CA HIS B 248 28.78 55.84 -72.26
C HIS B 248 27.69 56.01 -71.20
N CYS B 249 27.60 55.04 -70.29
CA CYS B 249 26.63 55.11 -69.20
C CYS B 249 26.91 54.04 -68.16
N ARG B 250 27.86 54.31 -67.26
CA ARG B 250 28.27 53.37 -66.24
C ARG B 250 27.97 53.92 -64.85
N PRO B 251 27.61 53.06 -63.90
CA PRO B 251 27.31 53.54 -62.54
C PRO B 251 28.59 53.88 -61.79
N LYS B 252 28.60 55.05 -61.17
CA LYS B 252 29.72 55.51 -60.36
C LYS B 252 29.43 55.21 -58.89
N TYR B 253 30.28 54.40 -58.28
CA TYR B 253 30.07 53.92 -56.92
C TYR B 253 30.89 54.76 -55.94
N SER B 254 30.19 55.52 -55.10
CA SER B 254 30.81 56.24 -54.00
C SER B 254 30.02 55.96 -52.73
N PHE B 255 30.73 55.90 -51.61
CA PHE B 255 30.14 55.54 -50.33
C PHE B 255 30.35 56.68 -49.34
N ARG B 256 29.29 57.04 -48.62
CA ARG B 256 29.37 58.09 -47.62
C ARG B 256 28.54 57.70 -46.41
N ARG B 257 28.94 58.20 -45.25
CA ARG B 257 28.21 57.93 -44.00
C ARG B 257 27.12 58.98 -43.86
N LEU B 258 25.88 58.58 -44.18
CA LEU B 258 24.76 59.52 -44.13
C LEU B 258 24.48 59.96 -42.70
N ASP B 259 24.49 59.03 -41.75
CA ASP B 259 24.22 59.37 -40.36
C ASP B 259 25.20 60.41 -39.86
N ASP B 260 26.50 60.10 -39.91
CA ASP B 260 27.52 61.06 -39.48
C ASP B 260 27.61 62.23 -40.43
N LYS B 261 27.28 62.03 -41.71
CA LYS B 261 27.33 63.09 -42.71
C LYS B 261 28.70 63.76 -42.73
N THR B 262 29.74 62.95 -42.60
CA THR B 262 31.13 63.41 -42.53
C THR B 262 31.44 64.18 -41.25
N THR B 263 30.55 64.14 -40.26
CA THR B 263 30.73 64.83 -39.00
C THR B 263 30.74 63.82 -37.86
N SER B 264 30.74 64.33 -36.63
CA SER B 264 30.75 63.51 -35.43
C SER B 264 29.76 64.10 -34.43
N GLU B 265 28.64 63.42 -34.22
CA GLU B 265 27.64 63.87 -33.26
C GLU B 265 28.10 63.48 -31.85
N SER B 266 28.34 64.49 -31.02
CA SER B 266 28.85 64.23 -29.68
C SER B 266 27.86 63.41 -28.85
N LEU B 267 26.57 63.72 -28.97
CA LEU B 267 25.55 63.08 -28.16
C LEU B 267 24.38 62.63 -29.04
N TYR B 268 23.69 61.60 -28.58
CA TYR B 268 22.48 61.08 -29.22
C TYR B 268 22.78 60.50 -30.61
N PRO B 269 23.78 59.62 -30.74
CA PRO B 269 24.04 59.01 -32.05
C PRO B 269 23.39 57.64 -32.19
N GLY B 270 23.40 57.09 -33.39
CA GLY B 270 22.91 55.75 -33.62
C GLY B 270 21.50 55.72 -34.16
N TYR B 271 21.18 54.59 -34.82
CA TYR B 271 19.86 54.36 -35.40
C TYR B 271 19.22 53.17 -34.71
N ASN B 272 18.08 53.38 -34.06
CA ASN B 272 17.40 52.31 -33.36
C ASN B 272 15.91 52.59 -33.33
N PHE B 273 15.12 51.53 -33.18
CA PHE B 273 13.67 51.64 -33.11
C PHE B 273 13.12 50.48 -32.32
N ARG B 274 11.91 50.64 -31.83
CA ARG B 274 11.24 49.62 -31.02
C ARG B 274 10.34 48.76 -31.90
N TYR B 275 10.38 47.44 -31.67
CA TYR B 275 9.57 46.49 -32.42
C TYR B 275 9.14 45.39 -31.47
N ALA B 276 7.84 45.10 -31.46
CA ALA B 276 7.27 44.13 -30.54
C ALA B 276 6.60 42.99 -31.30
N LYS B 277 6.41 41.88 -30.60
CA LYS B 277 5.71 40.72 -31.16
C LYS B 277 4.74 40.19 -30.11
N TYR B 278 3.46 40.21 -30.44
CA TYR B 278 2.41 39.84 -29.48
C TYR B 278 2.09 38.36 -29.57
N TYR B 279 1.90 37.74 -28.41
CA TYR B 279 1.51 36.34 -28.34
C TYR B 279 0.67 36.12 -27.09
N LYS B 280 -0.29 35.21 -27.19
CA LYS B 280 -1.19 34.89 -26.09
C LYS B 280 -0.78 33.58 -25.46
N GLU B 281 -0.68 33.57 -24.13
CA GLU B 281 -0.27 32.38 -23.40
C GLU B 281 -1.16 32.22 -22.17
N ASN B 282 -1.67 31.01 -21.96
CA ASN B 282 -2.51 30.71 -20.80
C ASN B 282 -3.70 31.67 -20.71
N ASN B 283 -4.29 31.96 -21.87
CA ASN B 283 -5.43 32.87 -21.95
C ASN B 283 -5.06 34.26 -21.43
N VAL B 284 -3.83 34.68 -21.70
CA VAL B 284 -3.32 35.98 -21.26
C VAL B 284 -2.62 36.65 -22.43
N GLU B 285 -3.02 37.88 -22.72
CA GLU B 285 -2.36 38.65 -23.78
C GLU B 285 -0.97 39.08 -23.34
N LYS B 286 0.02 38.79 -24.15
CA LYS B 286 1.41 39.11 -23.85
C LYS B 286 2.07 39.75 -25.05
N ARG B 287 3.18 40.45 -24.81
CA ARG B 287 3.92 41.12 -25.86
C ARG B 287 5.41 41.06 -25.53
N THR B 288 6.23 40.92 -26.57
CA THR B 288 7.68 40.91 -26.45
C THR B 288 8.24 42.17 -27.08
N LEU B 289 8.86 43.02 -26.26
CA LEU B 289 9.38 44.30 -26.70
C LEU B 289 10.87 44.17 -27.00
N ILE B 290 11.27 44.56 -28.20
CA ILE B 290 12.65 44.42 -28.65
C ILE B 290 13.15 45.78 -29.14
N LYS B 291 14.24 46.25 -28.56
CA LYS B 291 14.90 47.47 -29.00
C LYS B 291 15.96 47.10 -30.03
N VAL B 292 15.78 47.60 -31.25
CA VAL B 292 16.62 47.21 -32.38
C VAL B 292 17.60 48.34 -32.68
N PHE B 293 18.88 48.01 -32.67
CA PHE B 293 19.94 48.90 -33.10
C PHE B 293 20.57 48.31 -34.36
N GLY B 294 20.63 49.10 -35.44
CA GLY B 294 21.16 48.59 -36.68
C GLY B 294 21.73 49.69 -37.55
N ILE B 295 22.16 49.29 -38.74
CA ILE B 295 22.74 50.19 -39.74
C ILE B 295 21.78 50.24 -40.91
N ARG B 296 21.32 51.44 -41.25
CA ARG B 296 20.38 51.63 -42.35
C ARG B 296 21.08 52.32 -43.50
N PHE B 297 21.06 51.68 -44.67
CA PHE B 297 21.74 52.18 -45.86
C PHE B 297 20.73 52.81 -46.80
N ASP B 298 21.01 54.03 -47.24
CA ASP B 298 20.17 54.74 -48.22
C ASP B 298 20.84 54.66 -49.58
N ILE B 299 20.16 54.04 -50.54
CA ILE B 299 20.66 53.90 -51.90
C ILE B 299 20.14 55.06 -52.72
N LEU B 300 21.06 55.89 -53.24
CA LEU B 300 20.71 57.06 -54.03
C LEU B 300 21.34 56.94 -55.40
N VAL B 301 20.54 57.17 -56.44
CA VAL B 301 21.00 57.12 -57.82
C VAL B 301 20.76 58.50 -58.42
N PHE B 302 21.84 59.23 -58.70
CA PHE B 302 21.77 60.57 -59.28
C PHE B 302 22.54 60.57 -60.59
N GLY B 303 21.88 61.00 -61.67
CA GLY B 303 22.50 61.05 -62.97
C GLY B 303 22.02 62.24 -63.77
N THR B 304 22.74 62.52 -64.85
CA THR B 304 22.42 63.62 -65.73
C THR B 304 22.43 63.17 -67.20
N LEU B 313 20.14 75.64 -82.28
CA LEU B 313 21.15 76.29 -83.10
C LEU B 313 20.94 77.80 -83.15
N ALA B 314 19.68 78.22 -83.28
CA ALA B 314 19.38 79.65 -83.33
C ALA B 314 19.68 80.33 -82.00
N VAL B 315 19.35 79.67 -80.90
CA VAL B 315 19.61 80.23 -79.58
C VAL B 315 21.11 80.36 -79.34
N TYR B 316 21.86 79.28 -79.62
CA TYR B 316 23.30 79.33 -79.46
C TYR B 316 23.92 80.38 -80.39
N ILE B 317 23.38 80.51 -81.60
CA ILE B 317 23.89 81.51 -82.54
C ILE B 317 23.59 82.91 -82.02
N GLY B 318 22.49 83.08 -81.29
CA GLY B 318 22.15 84.37 -80.72
C GLY B 318 23.04 84.74 -79.55
N SER B 319 23.17 83.83 -78.59
CA SER B 319 24.04 84.09 -77.44
C SER B 319 25.48 84.30 -77.86
N VAL B 320 26.02 83.36 -78.66
CA VAL B 320 27.38 83.50 -79.16
C VAL B 320 27.50 84.72 -80.05
N ILE B 321 26.41 85.13 -80.70
CA ILE B 321 26.44 86.32 -81.53
C ILE B 321 26.57 87.57 -80.68
N SER B 322 25.94 87.57 -79.49
CA SER B 322 26.06 88.71 -78.59
C SER B 322 27.44 88.74 -77.95
N TYR B 323 27.91 87.58 -77.45
CA TYR B 323 29.23 87.53 -76.83
C TYR B 323 30.32 87.93 -77.82
N PHE B 324 30.22 87.43 -79.05
CA PHE B 324 31.21 87.80 -80.06
C PHE B 324 31.07 89.25 -80.49
N GLY B 325 29.82 89.75 -80.60
CA GLY B 325 29.62 91.13 -80.95
C GLY B 325 30.22 92.09 -79.94
N LEU B 326 30.07 91.79 -78.65
CA LEU B 326 30.66 92.63 -77.61
C LEU B 326 32.17 92.52 -77.62
N ALA B 327 32.71 91.34 -77.90
CA ALA B 327 34.15 91.13 -77.95
C ALA B 327 34.76 91.80 -79.18
C1 NAG C . -5.57 -67.95 40.96
C2 NAG C . -5.42 -68.53 42.36
C3 NAG C . -3.95 -68.69 42.71
C4 NAG C . -3.23 -69.52 41.65
C5 NAG C . -3.47 -68.90 40.27
C6 NAG C . -2.88 -69.73 39.15
C7 NAG C . -7.23 -68.06 43.96
C8 NAG C . -7.78 -67.09 44.95
N2 NAG C . -6.09 -67.70 43.34
O3 NAG C . -3.83 -69.33 43.97
O4 NAG C . -1.84 -69.56 41.91
O5 NAG C . -4.87 -68.78 40.01
O6 NAG C . -3.09 -69.12 37.88
O7 NAG C . -7.78 -69.14 43.72
H1 NAG C . -5.19 -67.06 40.94
H2 NAG C . -5.84 -69.42 42.37
H3 NAG C . -3.53 -67.81 42.76
H4 NAG C . -3.59 -70.43 41.65
H5 NAG C . -3.05 -68.01 40.25
H61 NAG C . -3.30 -70.61 39.16
H62 NAG C . -1.93 -69.85 39.30
H81 NAG C . -7.97 -66.25 44.50
H82 NAG C . -7.12 -66.94 45.65
H83 NAG C . -8.59 -67.45 45.33
HN2 NAG C . -5.72 -66.90 43.56
HO3 NAG C . -3.06 -69.12 44.35
HO6 NAG C . -2.66 -69.58 37.26
C1 NAG C . -1.46 -70.82 42.52
C2 NAG C . 0.06 -70.93 42.47
C3 NAG C . 0.51 -72.25 43.09
C4 NAG C . -0.07 -72.40 44.50
C5 NAG C . -1.58 -72.21 44.48
C6 NAG C . -2.19 -72.20 45.86
C7 NAG C . 0.67 -69.65 40.47
C8 NAG C . 1.19 -69.70 39.06
N2 NAG C . 0.54 -70.82 41.10
O3 NAG C . 1.93 -72.29 43.13
O4 NAG C . 0.23 -73.69 45.01
O5 NAG C . -1.91 -70.94 43.86
O6 NAG C . -3.61 -72.24 45.80
O7 NAG C . 0.40 -68.58 41.02
H1 NAG C . -1.85 -71.55 42.00
H2 NAG C . 0.44 -70.21 42.99
H3 NAG C . 0.18 -72.98 42.53
H4 NAG C . 0.33 -71.71 45.07
H5 NAG C . -1.99 -72.92 43.95
H61 NAG C . -1.92 -71.39 46.32
H62 NAG C . -1.86 -72.97 46.34
H81 NAG C . 0.58 -70.23 38.52
H82 NAG C . 2.07 -70.11 39.06
H83 NAG C . 1.25 -68.80 38.71
HN2 NAG C . 0.76 -71.58 40.66
HO3 NAG C . 2.18 -73.04 43.54
HO4 NAG C . 0.16 -73.67 45.89
HO6 NAG C . -3.93 -72.36 46.62
C1 NAG D . 34.69 37.96 -40.95
C2 NAG D . 34.83 37.34 -39.54
C3 NAG D . 36.30 37.20 -39.18
C4 NAG D . 37.05 36.42 -40.25
C5 NAG D . 36.85 37.11 -41.60
C6 NAG D . 37.49 36.37 -42.75
C7 NAG D . 32.92 37.80 -38.07
C8 NAG D . 32.35 38.73 -37.04
N2 NAG D . 34.13 38.13 -38.55
O3 NAG D . 36.41 36.54 -37.92
O4 NAG D . 38.43 36.34 -39.96
O5 NAG D . 35.44 37.19 -41.90
O6 NAG D . 37.17 36.96 -43.99
O7 NAG D . 32.33 36.80 -38.44
H1 NAG D . 35.02 38.87 -40.92
H2 NAG D . 34.44 36.44 -39.56
H3 NAG D . 36.69 38.09 -39.10
H4 NAG D . 36.68 35.52 -40.30
H5 NAG D . 37.22 38.01 -41.55
H61 NAG D . 37.17 35.44 -42.74
H62 NAG D . 38.45 36.37 -42.63
H81 NAG D . 32.25 39.62 -37.43
H82 NAG D . 32.95 38.78 -36.27
H83 NAG D . 31.48 38.40 -36.76
HN2 NAG D . 34.53 38.88 -38.24
HO3 NAG D . 37.13 36.83 -37.50
HO6 NAG D . 37.69 36.62 -44.63
C1 NAG D . 38.72 35.17 -39.17
C2 NAG D . 40.16 34.74 -39.43
C3 NAG D . 40.49 33.49 -38.63
C4 NAG D . 40.19 33.73 -37.15
C5 NAG D . 38.77 34.23 -36.96
C6 NAG D . 38.46 34.61 -35.54
C7 NAG D . 40.81 35.43 -41.70
C8 NAG D . 40.95 35.01 -43.13
N2 NAG D . 40.37 34.49 -40.86
O3 NAG D . 41.87 33.16 -38.80
O4 NAG D . 40.36 32.51 -36.42
O5 NAG D . 38.55 35.40 -37.76
O6 NAG D . 37.09 34.96 -35.37
O7 NAG D . 41.07 36.57 -41.33
H1 NAG D . 38.12 34.45 -39.43
H2 NAG D . 40.75 35.46 -39.16
H3 NAG D . 39.94 32.75 -38.95
H4 NAG D . 40.82 34.39 -36.80
H5 NAG D . 38.15 33.53 -37.25
H61 NAG D . 39.01 35.38 -35.29
H62 NAG D . 38.66 33.86 -34.95
H81 NAG D . 40.09 34.71 -43.47
H82 NAG D . 41.59 34.26 -43.19
H83 NAG D . 41.27 35.75 -43.67
HN2 NAG D . 40.18 33.66 -41.19
HO3 NAG D . 42.05 32.40 -38.38
HO4 NAG D . 40.37 32.69 -35.55
HO6 NAG D . 36.93 35.13 -34.52
C10 7S1 E . -39.96 -57.17 52.61
C15 7S1 E . -41.10 -57.24 54.92
C17 7S1 E . -41.39 -58.53 56.96
C20 7S1 E . -42.53 -57.30 54.69
C21 7S1 E . -43.08 -56.69 53.56
C22 7S1 E . -44.43 -56.74 53.35
C01 7S1 E . -37.31 -57.18 50.41
C02 7S1 E . -38.81 -56.93 50.46
C03 7S1 E . -39.24 -55.82 49.45
C04 7S1 E . -38.94 -54.49 49.72
C05 7S1 E . -39.32 -53.49 48.84
C06 7S1 E . -40.01 -53.83 47.67
C07 7S1 E . -40.32 -55.15 47.41
C08 7S1 E . -39.93 -56.16 48.29
N09 7S1 E . -39.21 -56.52 51.80
N11 7S1 E . -40.57 -58.50 52.35
C12 7S1 E . -40.41 -59.27 51.12
N13 7S1 E . -40.28 -59.88 50.17
N14 7S1 E . -40.24 -56.53 53.94
C16 7S1 E . -40.54 -57.85 56.05
C18 7S1 E . -42.77 -58.58 56.74
C19 7S1 E . -43.34 -57.94 55.58
C23 7S1 E . -45.27 -57.41 54.27
N24 7S1 E . -44.72 -58.01 55.36
C1 NAG F . 11.32 52.40 -77.12
C2 NAG F . 9.89 52.85 -77.44
C3 NAG F . 9.00 51.63 -77.65
C4 NAG F . 9.60 50.70 -78.70
C5 NAG F . 11.04 50.36 -78.34
C6 NAG F . 11.74 49.56 -79.43
C7 NAG F . 9.45 55.03 -76.42
C8 NAG F . 8.84 55.75 -75.25
N2 NAG F . 9.35 53.69 -76.39
O3 NAG F . 7.70 52.05 -78.05
O4 NAG F . 8.84 49.50 -78.77
O5 NAG F . 11.80 51.57 -78.17
O6 NAG F . 13.08 49.25 -79.06
O7 NAG F . 9.99 55.63 -77.34
H1 NAG F . 11.33 51.91 -76.29
H2 NAG F . 9.91 53.35 -78.27
H3 NAG F . 8.92 51.15 -76.80
H4 NAG F . 9.57 51.15 -79.56
H5 NAG F . 11.05 49.85 -77.51
H61 NAG F . 11.74 50.08 -80.25
H62 NAG F . 11.24 48.73 -79.57
H81 NAG F . 9.28 55.47 -74.43
H82 NAG F . 7.89 55.54 -75.20
H83 NAG F . 8.95 56.72 -75.36
HN2 NAG F . 8.94 53.30 -75.68
HO3 NAG F . 7.16 51.34 -78.12
HO4 NAG F . 9.12 49.02 -79.47
HO6 NAG F . 13.46 48.80 -79.72
C10 7S1 G . -0.52 46.86 -32.27
C15 7S1 G . -1.83 47.05 -30.05
C17 7S1 G . -2.43 46.03 -27.92
C20 7S1 G . -3.23 47.03 -30.43
C21 7S1 G . -3.62 47.54 -31.68
C22 7S1 G . -4.95 47.52 -32.04
C01 7S1 G . 2.23 46.35 -34.23
C02 7S1 G . 0.80 46.82 -34.33
C03 7S1 G . 0.62 47.93 -35.41
C04 7S1 G . 1.22 49.18 -35.24
C05 7S1 G . 1.06 50.16 -36.21
C06 7S1 G . 0.31 49.91 -37.35
C07 7S1 G . -0.29 48.66 -37.52
C08 7S1 G . -0.13 47.67 -36.55
N09 7S1 G . 0.36 47.37 -33.05
N11 7S1 G . -1.26 45.59 -32.51
C12 7S1 G . -1.11 44.73 -33.68
N13 7S1 G . -0.97 44.05 -34.60
N14 7S1 G . -0.82 47.59 -31.00
C16 7S1 G . -1.45 46.54 -28.81
C18 7S1 G . -3.78 46.02 -28.29
C19 7S1 G . -4.17 46.54 -29.57
C23 7S1 G . -5.90 47.01 -31.15
N24 7S1 G . -5.52 46.52 -29.94
PG ATP H . 15.01 55.37 -25.04
O1G ATP H . 15.77 54.19 -24.48
O2G ATP H . 14.29 55.10 -26.34
O3G ATP H . 14.19 56.12 -24.02
PB ATP H . 17.14 56.16 -26.69
O1B ATP H . 18.30 55.31 -26.22
O2B ATP H . 16.31 55.72 -27.88
O3B ATP H . 16.16 56.41 -25.44
PA ATP H . 17.85 58.28 -28.41
O1A ATP H . 19.29 58.09 -28.84
O2A ATP H . 16.73 57.81 -29.29
O3A ATP H . 17.68 57.65 -26.95
O5' ATP H . 17.59 59.82 -28.02
C5' ATP H . 18.48 60.51 -27.15
C4' ATP H . 17.69 61.02 -25.95
O4' ATP H . 16.58 61.79 -26.41
C3' ATP H . 17.13 59.88 -25.11
O3' ATP H . 17.73 59.88 -23.80
C2' ATP H . 15.64 60.12 -24.98
O2' ATP H . 15.27 60.27 -23.61
C1' ATP H . 15.37 61.41 -25.75
N9 ATP H . 14.33 61.15 -26.78
C8 ATP H . 14.38 60.21 -27.73
N7 ATP H . 13.27 60.24 -28.52
C5 ATP H . 12.48 61.22 -28.06
C6 ATP H . 11.15 61.79 -28.42
N6 ATP H . 10.45 61.29 -29.47
N1 ATP H . 10.69 62.82 -27.68
C2 ATP H . 11.38 63.31 -26.64
N3 ATP H . 12.59 62.86 -26.26
C4 ATP H . 13.17 61.82 -26.90
#